data_4LWP
#
_entry.id   4LWP
#
_cell.length_a   101.428
_cell.length_b   108.465
_cell.length_c   137.865
_cell.angle_alpha   90.00
_cell.angle_beta   90.00
_cell.angle_gamma   90.00
#
_symmetry.space_group_name_H-M   'C 2 2 21'
#
loop_
_entity.id
_entity.type
_entity.pdbx_description
1 polymer 'Arginine N-methyltransferase, putative'
2 non-polymer 'IODIDE ION'
3 non-polymer S-ADENOSYL-L-HOMOCYSTEINE
4 non-polymer 'TRIETHYLENE GLYCOL'
5 water water
#
_entity_poly.entity_id   1
_entity_poly.type   'polypeptide(L)'
_entity_poly.pdbx_seq_one_letter_code
;MESGGFAEDYDPNSSLHHQYYESYSDLAVHRLMLEDAQRMSFYRKSIEQSASIEGKVVVDVGSGTGILSMWAARAGAKHV
FSIEASSLSEFQIGVVEDNDLSTKITVLGDTVENIIAGGVANFVNRHKAKLGKCGVAVLLSEWMGFYLFHEGMLPSVIRA
RNFFQDVNAALGVLQPIEMIPERATVFVAPITCKPYYVQRYKNFWRDVDGLDFSRYGRIEYEVYLEQASPLVECLPPLCL
LHEGLSLIELNLSTVQEEVLTSLHNTVHFDLKESAEFQQHAREAGSEGRVSVDGFTVWFDVSYGAHTLSTSPRSPSTHWK
QTTILLPREARNEELVSFPVEGGELGVEMHISASDKTLRFYTIELELK
;
_entity_poly.pdbx_strand_id   B,A
#
# COMPACT_ATOMS: atom_id res chain seq x y z
N SER A 25 4.77 14.18 0.56
CA SER A 25 3.61 13.28 0.48
C SER A 25 2.63 13.81 -0.55
N ASP A 26 2.62 15.12 -0.73
CA ASP A 26 2.00 15.72 -1.90
C ASP A 26 2.74 15.16 -3.11
N LEU A 27 4.07 15.24 -3.06
CA LEU A 27 4.89 14.80 -4.16
C LEU A 27 4.82 13.31 -4.38
N ALA A 28 4.46 12.56 -3.34
CA ALA A 28 4.33 11.11 -3.46
C ALA A 28 3.11 10.80 -4.31
N VAL A 29 2.05 11.58 -4.15
CA VAL A 29 0.86 11.42 -5.00
C VAL A 29 1.14 11.84 -6.45
N HIS A 30 1.92 12.91 -6.62
CA HIS A 30 2.27 13.34 -7.97
C HIS A 30 3.19 12.33 -8.64
N ARG A 31 4.07 11.72 -7.85
CA ARG A 31 4.94 10.68 -8.37
C ARG A 31 4.10 9.50 -8.89
N LEU A 32 3.07 9.13 -8.15
CA LEU A 32 2.12 8.12 -8.62
C LEU A 32 1.56 8.46 -10.02
N MET A 33 1.16 9.70 -10.21
CA MET A 33 0.59 10.15 -11.49
C MET A 33 1.65 10.20 -12.58
N LEU A 34 2.88 10.53 -12.21
CA LEU A 34 3.97 10.57 -13.18
C LEU A 34 4.45 9.18 -13.59
N GLU A 35 4.20 8.19 -12.74
CA GLU A 35 4.59 6.80 -13.01
C GLU A 35 3.54 6.10 -13.86
N ASP A 36 2.37 6.74 -13.99
CA ASP A 36 1.29 6.22 -14.80
C ASP A 36 1.60 6.42 -16.28
N ALA A 37 2.24 5.41 -16.88
CA ALA A 37 2.74 5.56 -18.24
C ALA A 37 1.62 5.82 -19.24
N GLN A 38 0.47 5.18 -19.05
CA GLN A 38 -0.66 5.41 -19.96
C GLN A 38 -1.09 6.87 -19.91
N ARG A 39 -1.22 7.38 -18.70
CA ARG A 39 -1.59 8.76 -18.47
C ARG A 39 -0.55 9.68 -19.11
N MET A 40 0.71 9.44 -18.82
CA MET A 40 1.79 10.28 -19.36
C MET A 40 1.82 10.24 -20.87
N SER A 41 1.61 9.05 -21.43
CA SER A 41 1.75 8.89 -22.86
C SER A 41 0.64 9.61 -23.64
N PHE A 42 -0.59 9.55 -23.15
CA PHE A 42 -1.70 10.27 -23.77
C PHE A 42 -1.42 11.79 -23.86
N TYR A 43 -0.98 12.40 -22.76
CA TYR A 43 -0.73 13.84 -22.76
C TYR A 43 0.50 14.22 -23.60
N ARG A 44 1.59 13.46 -23.53
CA ARG A 44 2.75 13.74 -24.37
C ARG A 44 2.38 13.67 -25.85
N LYS A 45 1.66 12.64 -26.25
CA LYS A 45 1.27 12.51 -27.65
C LYS A 45 0.29 13.59 -28.13
N SER A 46 -0.72 13.90 -27.30
CA SER A 46 -1.73 14.90 -27.63
C SER A 46 -1.10 16.27 -27.81
N ILE A 47 -0.17 16.60 -26.93
CA ILE A 47 0.51 17.87 -26.93
C ILE A 47 1.39 18.01 -28.18
N GLU A 48 2.06 16.93 -28.54
CA GLU A 48 2.93 16.93 -29.73
C GLU A 48 2.12 16.94 -31.04
N GLN A 49 0.85 16.58 -30.98
CA GLN A 49 0.03 16.52 -32.18
C GLN A 49 -0.83 17.77 -32.38
N SER A 50 -0.95 18.59 -31.35
CA SER A 50 -1.79 19.78 -31.50
C SER A 50 -1.12 20.75 -32.46
N ALA A 51 -1.93 21.33 -33.34
CA ALA A 51 -1.44 22.35 -34.25
C ALA A 51 -1.74 23.71 -33.65
N SER A 52 -2.16 23.72 -32.39
CA SER A 52 -2.55 24.96 -31.72
C SER A 52 -1.56 25.35 -30.64
N ILE A 53 -0.47 24.62 -30.51
CA ILE A 53 0.47 24.90 -29.43
C ILE A 53 1.65 25.78 -29.87
N GLU A 54 2.29 25.42 -30.99
CA GLU A 54 3.45 26.20 -31.45
C GLU A 54 3.12 27.67 -31.73
N GLY A 55 3.92 28.56 -31.16
CA GLY A 55 3.73 29.99 -31.36
C GLY A 55 2.50 30.59 -30.69
N LYS A 56 1.76 29.79 -29.93
CA LYS A 56 0.51 30.25 -29.32
C LYS A 56 0.58 30.20 -27.79
N VAL A 57 -0.45 30.71 -27.11
CA VAL A 57 -0.44 30.77 -25.66
C VAL A 57 -1.26 29.66 -25.00
N VAL A 58 -0.63 28.98 -24.04
CA VAL A 58 -1.19 27.82 -23.38
C VAL A 58 -1.48 28.10 -21.91
N VAL A 59 -2.61 27.61 -21.42
CA VAL A 59 -2.88 27.60 -19.99
C VAL A 59 -2.94 26.16 -19.48
N ASP A 60 -2.21 25.90 -18.40
CA ASP A 60 -2.24 24.62 -17.71
C ASP A 60 -2.97 24.77 -16.38
N VAL A 61 -4.16 24.19 -16.29
CA VAL A 61 -5.00 24.30 -15.11
C VAL A 61 -4.79 23.14 -14.15
N GLY A 62 -4.22 23.42 -12.97
CA GLY A 62 -3.88 22.38 -12.01
C GLY A 62 -2.59 21.67 -12.42
N SER A 63 -1.54 22.44 -12.59
CA SER A 63 -0.31 22.00 -13.21
C SER A 63 0.60 21.12 -12.32
N GLY A 64 0.39 21.15 -11.01
CA GLY A 64 1.13 20.30 -10.09
C GLY A 64 2.64 20.43 -10.20
N THR A 65 3.29 19.42 -10.75
CA THR A 65 4.73 19.47 -10.96
C THR A 65 5.08 20.32 -12.17
N GLY A 66 4.09 20.66 -12.99
CA GLY A 66 4.30 21.51 -14.14
C GLY A 66 4.69 20.74 -15.39
N ILE A 67 4.58 19.42 -15.30
CA ILE A 67 4.95 18.55 -16.41
C ILE A 67 4.27 18.93 -17.74
N LEU A 68 2.95 19.13 -17.73
CA LEU A 68 2.24 19.52 -18.95
C LEU A 68 2.64 20.92 -19.42
N SER A 69 2.87 21.84 -18.50
CA SER A 69 3.35 23.16 -18.84
C SER A 69 4.69 23.07 -19.56
N MET A 70 5.59 22.28 -18.99
CA MET A 70 6.93 22.14 -19.54
C MET A 70 6.95 21.39 -20.89
N TRP A 71 6.05 20.42 -21.06
CA TRP A 71 5.88 19.76 -22.36
C TRP A 71 5.39 20.73 -23.43
N ALA A 72 4.45 21.58 -23.06
CA ALA A 72 3.90 22.57 -23.99
C ALA A 72 4.99 23.56 -24.42
N ALA A 73 5.88 23.93 -23.50
CA ALA A 73 6.96 24.82 -23.83
C ALA A 73 7.93 24.20 -24.85
N ARG A 74 8.32 22.95 -24.61
CA ARG A 74 9.18 22.21 -25.54
C ARG A 74 8.53 22.02 -26.90
N ALA A 75 7.19 22.06 -26.93
CA ALA A 75 6.47 21.89 -28.18
C ALA A 75 6.37 23.22 -28.93
N GLY A 76 6.99 24.26 -28.36
CA GLY A 76 7.10 25.54 -29.04
C GLY A 76 6.06 26.58 -28.70
N ALA A 77 5.40 26.41 -27.56
CA ALA A 77 4.41 27.40 -27.13
C ALA A 77 5.07 28.78 -27.02
N LYS A 78 4.34 29.83 -27.37
CA LYS A 78 4.83 31.20 -27.20
C LYS A 78 5.04 31.46 -25.72
N HIS A 79 4.01 31.20 -24.90
CA HIS A 79 4.11 31.31 -23.45
C HIS A 79 3.08 30.41 -22.75
N VAL A 80 3.40 29.94 -21.56
CA VAL A 80 2.49 29.09 -20.82
C VAL A 80 2.18 29.65 -19.44
N PHE A 81 0.91 29.74 -19.11
CA PHE A 81 0.50 30.08 -17.75
C PHE A 81 0.18 28.79 -17.00
N SER A 82 0.91 28.56 -15.91
CA SER A 82 0.82 27.33 -15.15
C SER A 82 0.16 27.63 -13.81
N ILE A 83 -1.06 27.13 -13.66
CA ILE A 83 -1.86 27.45 -12.51
C ILE A 83 -1.89 26.30 -11.52
N GLU A 84 -1.46 26.57 -10.28
CA GLU A 84 -1.43 25.55 -9.22
C GLU A 84 -1.66 26.20 -7.87
N ALA A 85 -2.68 25.75 -7.16
CA ALA A 85 -3.08 26.36 -5.88
C ALA A 85 -2.19 25.97 -4.72
N SER A 86 -1.58 24.80 -4.80
CA SER A 86 -0.89 24.26 -3.63
C SER A 86 0.51 24.81 -3.56
N SER A 87 1.24 24.41 -2.52
CA SER A 87 2.55 24.94 -2.26
C SER A 87 3.57 24.37 -3.23
N LEU A 88 3.15 23.39 -4.04
CA LEU A 88 3.97 22.90 -5.14
C LEU A 88 4.34 24.02 -6.12
N SER A 89 3.48 25.04 -6.18
CA SER A 89 3.69 26.15 -7.10
C SER A 89 5.05 26.77 -6.87
N GLU A 90 5.44 26.92 -5.60
CA GLU A 90 6.75 27.53 -5.28
C GLU A 90 7.95 26.70 -5.75
N PHE A 91 7.84 25.38 -5.63
CA PHE A 91 8.91 24.50 -6.09
C PHE A 91 8.93 24.39 -7.60
N GLN A 92 7.75 24.51 -8.23
CA GLN A 92 7.66 24.45 -9.68
C GLN A 92 8.41 25.62 -10.33
N ILE A 93 8.40 26.77 -9.66
CA ILE A 93 9.20 27.91 -10.13
C ILE A 93 10.68 27.49 -10.21
N GLY A 94 11.19 26.86 -9.16
CA GLY A 94 12.56 26.36 -9.17
C GLY A 94 12.84 25.35 -10.26
N VAL A 95 11.96 24.35 -10.43
CA VAL A 95 12.16 23.31 -11.44
C VAL A 95 12.04 23.87 -12.85
N VAL A 96 11.17 24.86 -13.04
CA VAL A 96 11.12 25.53 -14.35
C VAL A 96 12.46 26.24 -14.64
N GLU A 97 12.99 26.91 -13.62
CA GLU A 97 14.31 27.53 -13.73
C GLU A 97 15.40 26.48 -13.95
N ASP A 98 15.35 25.39 -13.18
CA ASP A 98 16.32 24.29 -13.35
C ASP A 98 16.30 23.71 -14.75
N ASN A 99 15.19 23.86 -15.47
CA ASN A 99 15.11 23.35 -16.85
C ASN A 99 15.19 24.48 -17.87
N ASP A 100 15.66 25.65 -17.42
CA ASP A 100 15.94 26.77 -18.31
C ASP A 100 14.71 27.20 -19.10
N LEU A 101 13.56 27.29 -18.42
CA LEU A 101 12.31 27.59 -19.14
C LEU A 101 11.58 28.77 -18.51
N SER A 102 12.28 29.54 -17.69
CA SER A 102 11.64 30.59 -16.93
C SER A 102 11.05 31.72 -17.77
N THR A 103 11.50 31.89 -19.01
CA THR A 103 10.93 32.93 -19.86
C THR A 103 9.69 32.43 -20.62
N LYS A 104 9.49 31.12 -20.67
CA LYS A 104 8.40 30.59 -21.49
C LYS A 104 7.21 30.13 -20.64
N ILE A 105 7.42 30.05 -19.33
CA ILE A 105 6.40 29.56 -18.41
C ILE A 105 6.22 30.47 -17.19
N THR A 106 5.00 30.94 -16.97
CA THR A 106 4.72 31.74 -15.78
C THR A 106 3.87 30.94 -14.79
N VAL A 107 4.36 30.75 -13.57
CA VAL A 107 3.60 30.00 -12.58
C VAL A 107 2.71 30.93 -11.79
N LEU A 108 1.41 30.65 -11.77
CA LEU A 108 0.48 31.41 -10.93
C LEU A 108 0.01 30.59 -9.73
N GLY A 109 0.60 30.88 -8.57
CA GLY A 109 0.32 30.12 -7.38
C GLY A 109 -0.97 30.52 -6.67
N ASP A 110 -2.10 30.11 -7.24
CA ASP A 110 -3.38 30.48 -6.64
C ASP A 110 -4.47 29.56 -7.20
N THR A 111 -5.66 29.57 -6.60
CA THR A 111 -6.72 28.78 -7.17
C THR A 111 -7.16 29.43 -8.46
N VAL A 112 -7.69 28.62 -9.38
CA VAL A 112 -8.37 29.13 -10.56
C VAL A 112 -9.39 30.19 -10.17
N GLU A 113 -10.15 29.90 -9.13
CA GLU A 113 -11.27 30.75 -8.75
C GLU A 113 -10.81 32.12 -8.26
N ASN A 114 -9.70 32.17 -7.52
CA ASN A 114 -9.17 33.46 -7.06
C ASN A 114 -8.59 34.26 -8.22
N ILE A 115 -7.98 33.59 -9.20
CA ILE A 115 -7.48 34.30 -10.37
C ILE A 115 -8.65 34.93 -11.11
N ILE A 116 -9.73 34.16 -11.24
CA ILE A 116 -10.95 34.65 -11.85
C ILE A 116 -11.51 35.88 -11.12
N ALA A 117 -11.57 35.81 -9.79
CA ALA A 117 -12.07 36.93 -8.97
C ALA A 117 -11.27 38.22 -9.17
N GLY A 118 -10.01 38.11 -9.56
CA GLY A 118 -9.20 39.29 -9.84
C GLY A 118 -9.67 40.01 -11.09
N GLY A 119 -10.43 39.30 -11.93
CA GLY A 119 -11.04 39.91 -13.10
C GLY A 119 -10.30 39.83 -14.41
N VAL A 120 -11.05 39.99 -15.50
CA VAL A 120 -10.51 39.84 -16.85
C VAL A 120 -9.45 40.89 -17.12
N ALA A 121 -9.76 42.16 -16.80
CA ALA A 121 -8.85 43.26 -17.12
C ALA A 121 -7.57 43.19 -16.32
N ASN A 122 -7.67 42.76 -15.07
CA ASN A 122 -6.48 42.67 -14.25
C ASN A 122 -5.58 41.52 -14.72
N PHE A 123 -6.18 40.44 -15.20
CA PHE A 123 -5.37 39.38 -15.77
C PHE A 123 -4.60 39.91 -16.96
N VAL A 124 -5.32 40.59 -17.86
CA VAL A 124 -4.68 41.06 -19.08
C VAL A 124 -3.66 42.12 -18.73
N ASN A 125 -3.99 42.98 -17.77
CA ASN A 125 -3.07 44.05 -17.40
C ASN A 125 -1.77 43.51 -16.78
N ARG A 126 -1.82 42.48 -15.95
CA ARG A 126 -0.59 41.92 -15.39
C ARG A 126 0.28 41.16 -16.39
N HIS A 127 -0.31 40.50 -17.39
CA HIS A 127 0.49 39.61 -18.23
C HIS A 127 0.47 39.98 -19.70
N LYS A 128 0.04 41.20 -20.00
CA LYS A 128 -0.13 41.67 -21.37
C LYS A 128 1.12 41.51 -22.23
N ALA A 129 2.28 41.71 -21.63
CA ALA A 129 3.53 41.60 -22.38
C ALA A 129 3.76 40.15 -22.83
N LYS A 130 3.30 39.19 -22.04
CA LYS A 130 3.46 37.79 -22.41
C LYS A 130 2.38 37.39 -23.42
N LEU A 131 1.17 37.90 -23.23
CA LEU A 131 0.07 37.63 -24.15
C LEU A 131 0.33 38.23 -25.51
N GLY A 132 0.84 39.46 -25.53
CA GLY A 132 1.07 40.12 -26.78
C GLY A 132 -0.30 40.23 -27.43
N LYS A 133 -0.31 40.06 -28.75
CA LYS A 133 -1.52 40.19 -29.55
C LYS A 133 -2.31 38.88 -29.70
N CYS A 134 -1.89 37.81 -29.01
CA CYS A 134 -2.40 36.46 -29.36
C CYS A 134 -3.56 35.84 -28.56
N GLY A 135 -3.70 36.15 -27.28
CA GLY A 135 -4.73 35.49 -26.48
C GLY A 135 -4.44 34.01 -26.20
N VAL A 136 -5.38 33.33 -25.54
CA VAL A 136 -5.23 31.91 -25.17
C VAL A 136 -5.71 30.91 -26.23
N ALA A 137 -4.83 30.04 -26.70
CA ALA A 137 -5.24 29.08 -27.74
C ALA A 137 -5.64 27.73 -27.15
N VAL A 138 -4.93 27.31 -26.11
CA VAL A 138 -5.06 25.96 -25.58
C VAL A 138 -5.16 25.93 -24.07
N LEU A 139 -6.07 25.09 -23.58
CA LEU A 139 -6.25 24.86 -22.16
C LEU A 139 -5.90 23.40 -21.85
N LEU A 140 -4.79 23.19 -21.16
CA LEU A 140 -4.36 21.85 -20.73
C LEU A 140 -4.75 21.57 -19.31
N SER A 141 -5.20 20.34 -19.06
CA SER A 141 -5.61 19.99 -17.72
C SER A 141 -5.74 18.50 -17.58
N GLU A 142 -5.45 18.05 -16.37
CA GLU A 142 -5.68 16.66 -16.04
C GLU A 142 -6.54 16.62 -14.78
N TRP A 143 -7.84 16.60 -15.03
CA TRP A 143 -8.84 16.87 -14.02
C TRP A 143 -9.63 15.64 -13.61
N MET A 144 -9.38 14.53 -14.27
CA MET A 144 -10.24 13.38 -14.14
C MET A 144 -10.18 12.75 -12.77
N GLY A 145 -11.35 12.49 -12.20
CA GLY A 145 -11.42 11.74 -10.98
C GLY A 145 -11.84 10.31 -11.30
N PHE A 146 -12.19 9.59 -10.25
CA PHE A 146 -12.79 8.27 -10.40
C PHE A 146 -14.11 8.46 -11.16
N TYR A 147 -14.34 7.60 -12.14
CA TYR A 147 -15.34 7.80 -13.20
C TYR A 147 -15.50 9.27 -13.60
N LEU A 148 -14.37 9.92 -13.86
CA LEU A 148 -14.32 11.31 -14.32
C LEU A 148 -14.74 12.36 -13.32
N PHE A 149 -15.55 12.06 -12.39
CA PHE A 149 -16.31 13.05 -11.62
C PHE A 149 -15.92 13.05 -10.13
N HIS A 150 -15.71 11.88 -9.53
CA HIS A 150 -15.52 11.79 -8.09
C HIS A 150 -14.09 12.08 -7.69
N GLU A 151 -13.92 13.14 -6.91
CA GLU A 151 -12.62 13.66 -6.51
C GLU A 151 -11.86 14.23 -7.71
N GLY A 152 -12.59 14.70 -8.70
CA GLY A 152 -11.98 15.38 -9.83
C GLY A 152 -12.07 16.88 -9.63
N MET A 153 -11.63 17.64 -10.63
CA MET A 153 -11.66 19.08 -10.56
C MET A 153 -12.33 19.65 -11.80
N LEU A 154 -13.17 18.86 -12.46
CA LEU A 154 -13.85 19.36 -13.65
C LEU A 154 -14.53 20.72 -13.44
N PRO A 155 -15.20 20.96 -12.29
CA PRO A 155 -15.80 22.31 -12.21
C PRO A 155 -14.79 23.47 -12.29
N SER A 156 -13.57 23.30 -11.79
CA SER A 156 -12.56 24.36 -11.92
C SER A 156 -12.07 24.52 -13.36
N VAL A 157 -12.03 23.41 -14.10
CA VAL A 157 -11.63 23.44 -15.51
C VAL A 157 -12.68 24.17 -16.32
N ILE A 158 -13.96 23.91 -16.07
CA ILE A 158 -15.03 24.65 -16.73
C ILE A 158 -14.95 26.15 -16.44
N ARG A 159 -14.75 26.52 -15.18
CA ARG A 159 -14.61 27.94 -14.83
C ARG A 159 -13.42 28.58 -15.51
N ALA A 160 -12.31 27.85 -15.55
CA ALA A 160 -11.13 28.38 -16.22
C ALA A 160 -11.42 28.64 -17.68
N ARG A 161 -12.09 27.67 -18.32
CA ARG A 161 -12.38 27.78 -19.75
C ARG A 161 -13.25 29.00 -20.04
N ASN A 162 -14.35 29.13 -19.29
CA ASN A 162 -15.24 30.29 -19.45
C ASN A 162 -14.50 31.61 -19.21
N PHE A 163 -13.63 31.64 -18.19
CA PHE A 163 -12.89 32.86 -17.87
C PHE A 163 -11.92 33.28 -18.96
N PHE A 164 -11.21 32.31 -19.54
CA PHE A 164 -10.21 32.64 -20.54
C PHE A 164 -10.85 32.89 -21.87
N GLN A 165 -12.09 32.44 -22.04
CA GLN A 165 -12.82 32.80 -23.23
C GLN A 165 -13.26 34.28 -23.12
N ASP A 166 -13.59 34.73 -21.90
CA ASP A 166 -13.86 36.15 -21.66
C ASP A 166 -12.57 36.96 -21.82
N VAL A 167 -11.45 36.41 -21.36
CA VAL A 167 -10.18 37.12 -21.54
C VAL A 167 -9.92 37.28 -23.04
N ASN A 168 -10.16 36.22 -23.82
CA ASN A 168 -9.96 36.31 -25.27
C ASN A 168 -10.89 37.35 -25.90
N ALA A 169 -12.13 37.40 -25.45
CA ALA A 169 -13.09 38.39 -25.96
C ALA A 169 -12.63 39.82 -25.67
N ALA A 170 -12.09 40.06 -24.48
CA ALA A 170 -11.53 41.38 -24.13
C ALA A 170 -10.31 41.74 -24.98
N LEU A 171 -9.62 40.73 -25.50
CA LEU A 171 -8.47 40.95 -26.40
C LEU A 171 -8.90 41.01 -27.86
N GLY A 172 -10.20 40.92 -28.12
CA GLY A 172 -10.70 40.96 -29.48
C GLY A 172 -10.38 39.72 -30.28
N VAL A 173 -9.95 38.65 -29.59
CA VAL A 173 -9.59 37.41 -30.24
C VAL A 173 -10.78 36.46 -30.22
N LEU A 174 -11.18 35.96 -31.39
CA LEU A 174 -12.42 35.22 -31.46
C LEU A 174 -12.29 33.70 -31.58
N GLN A 175 -11.09 33.20 -31.83
CA GLN A 175 -10.88 31.75 -31.89
C GLN A 175 -11.23 31.05 -30.58
N PRO A 176 -11.97 29.94 -30.68
CA PRO A 176 -12.38 29.15 -29.52
C PRO A 176 -11.19 28.38 -28.96
N ILE A 177 -11.19 28.16 -27.65
CA ILE A 177 -10.03 27.56 -26.98
C ILE A 177 -10.00 26.05 -27.21
N GLU A 178 -8.89 25.50 -27.61
CA GLU A 178 -8.72 24.09 -27.68
C GLU A 178 -8.64 23.42 -26.29
N MET A 179 -9.48 22.44 -26.00
CA MET A 179 -9.37 21.68 -24.76
C MET A 179 -8.60 20.39 -25.01
N ILE A 180 -7.65 20.10 -24.12
CA ILE A 180 -6.96 18.82 -24.12
C ILE A 180 -7.02 18.23 -22.71
N PRO A 181 -7.75 17.12 -22.52
CA PRO A 181 -8.48 16.33 -23.53
C PRO A 181 -9.70 17.08 -24.08
N GLU A 182 -10.20 16.69 -25.25
CA GLU A 182 -11.32 17.41 -25.87
C GLU A 182 -12.65 16.75 -25.58
N ARG A 183 -12.61 15.49 -25.18
CA ARG A 183 -13.82 14.69 -25.02
C ARG A 183 -13.65 13.69 -23.87
N ALA A 184 -14.74 13.33 -23.21
CA ALA A 184 -14.69 12.34 -22.15
C ALA A 184 -15.93 11.48 -22.18
N THR A 185 -15.77 10.18 -21.90
CA THR A 185 -16.89 9.26 -21.85
C THR A 185 -16.84 8.39 -20.59
N VAL A 186 -17.98 8.19 -19.93
CA VAL A 186 -18.12 7.20 -18.84
C VAL A 186 -18.67 5.85 -19.37
N PHE A 187 -17.99 4.73 -19.11
CA PHE A 187 -18.48 3.41 -19.53
C PHE A 187 -18.93 2.55 -18.33
N VAL A 188 -19.92 1.69 -18.54
CA VAL A 188 -20.48 0.82 -17.51
C VAL A 188 -20.59 -0.62 -18.01
N ALA A 189 -20.36 -1.61 -17.15
CA ALA A 189 -20.58 -3.00 -17.55
C ALA A 189 -21.00 -3.84 -16.37
N PRO A 190 -21.92 -4.81 -16.58
CA PRO A 190 -22.32 -5.75 -15.52
C PRO A 190 -21.23 -6.76 -15.21
N ILE A 191 -21.07 -7.11 -13.94
CA ILE A 191 -20.02 -8.05 -13.59
C ILE A 191 -20.48 -9.22 -12.73
N THR A 192 -19.72 -10.30 -12.82
CA THR A 192 -19.78 -11.37 -11.85
C THR A 192 -18.59 -11.21 -10.96
N CYS A 193 -18.80 -11.44 -9.67
CA CYS A 193 -17.72 -11.33 -8.71
C CYS A 193 -16.87 -12.58 -8.64
N LYS A 194 -17.35 -13.69 -9.18
CA LYS A 194 -16.66 -14.98 -8.99
C LYS A 194 -15.15 -14.97 -9.31
N PRO A 195 -14.75 -14.45 -10.49
CA PRO A 195 -13.30 -14.47 -10.82
C PRO A 195 -12.45 -13.57 -9.93
N TYR A 196 -13.01 -12.47 -9.44
CA TYR A 196 -12.28 -11.63 -8.50
C TYR A 196 -12.10 -12.37 -7.18
N TYR A 197 -13.16 -13.02 -6.73
CA TYR A 197 -13.06 -13.87 -5.54
C TYR A 197 -12.04 -14.99 -5.74
N VAL A 198 -12.14 -15.70 -6.87
CA VAL A 198 -11.23 -16.83 -7.09
C VAL A 198 -9.76 -16.40 -7.25
N GLN A 199 -9.50 -15.35 -8.03
CA GLN A 199 -8.13 -14.95 -8.33
C GLN A 199 -7.44 -14.20 -7.18
N ARG A 200 -8.22 -13.48 -6.38
CA ARG A 200 -7.64 -12.59 -5.37
C ARG A 200 -7.80 -13.16 -3.96
N TYR A 201 -8.59 -14.22 -3.80
CA TYR A 201 -8.81 -14.79 -2.46
C TYR A 201 -8.68 -16.30 -2.42
N LYS A 202 -9.53 -16.98 -3.18
CA LYS A 202 -9.65 -18.43 -3.06
C LYS A 202 -8.37 -19.12 -3.51
N ASN A 203 -7.75 -18.59 -4.56
CA ASN A 203 -6.51 -19.17 -5.07
C ASN A 203 -5.44 -19.21 -4.00
N PHE A 204 -5.36 -18.17 -3.17
CA PHE A 204 -4.37 -18.17 -2.10
C PHE A 204 -4.80 -19.05 -0.93
N TRP A 205 -6.04 -18.89 -0.48
CA TRP A 205 -6.44 -19.53 0.77
C TRP A 205 -6.74 -21.01 0.65
N ARG A 206 -6.97 -21.50 -0.55
CA ARG A 206 -7.42 -22.88 -0.72
C ARG A 206 -6.26 -23.85 -0.46
N ASP A 207 -5.04 -23.36 -0.64
CA ASP A 207 -3.87 -24.20 -0.40
C ASP A 207 -2.74 -23.42 0.28
N VAL A 208 -2.62 -23.60 1.59
CA VAL A 208 -1.57 -22.97 2.38
C VAL A 208 -0.68 -24.10 2.91
N ASP A 209 0.42 -24.33 2.20
CA ASP A 209 1.27 -25.49 2.39
C ASP A 209 0.44 -26.77 2.51
N GLY A 210 -0.48 -26.98 1.56
CA GLY A 210 -1.26 -28.20 1.56
C GLY A 210 -2.44 -28.21 2.51
N LEU A 211 -2.58 -27.16 3.31
CA LEU A 211 -3.73 -27.03 4.21
C LEU A 211 -4.86 -26.27 3.50
N ASP A 212 -6.11 -26.68 3.72
CA ASP A 212 -7.26 -25.98 3.16
C ASP A 212 -7.73 -24.88 4.10
N PHE A 213 -7.31 -23.64 3.81
CA PHE A 213 -7.71 -22.49 4.59
C PHE A 213 -8.82 -21.71 3.90
N SER A 214 -9.54 -22.35 2.98
CA SER A 214 -10.48 -21.60 2.12
C SER A 214 -11.62 -20.94 2.90
N ARG A 215 -11.94 -21.48 4.06
CA ARG A 215 -12.93 -20.88 4.94
C ARG A 215 -12.54 -19.45 5.34
N TYR A 216 -11.24 -19.24 5.54
CA TYR A 216 -10.69 -17.92 5.84
C TYR A 216 -10.85 -16.98 4.62
N GLY A 217 -10.72 -17.55 3.42
CA GLY A 217 -10.91 -16.80 2.18
C GLY A 217 -12.32 -16.22 2.00
N ARG A 218 -13.34 -17.03 2.29
CA ARG A 218 -14.71 -16.55 2.23
C ARG A 218 -14.87 -15.38 3.21
N ILE A 219 -14.29 -15.50 4.40
CA ILE A 219 -14.39 -14.42 5.38
C ILE A 219 -13.73 -13.13 4.94
N GLU A 220 -12.45 -13.20 4.53
CA GLU A 220 -11.67 -12.01 4.14
C GLU A 220 -12.40 -11.27 3.01
N TYR A 221 -12.94 -12.05 2.08
CA TYR A 221 -13.65 -11.53 0.94
C TYR A 221 -14.95 -10.83 1.33
N GLU A 222 -15.82 -11.55 2.05
CA GLU A 222 -17.11 -11.01 2.45
C GLU A 222 -16.97 -9.68 3.19
N VAL A 223 -15.96 -9.57 4.05
CA VAL A 223 -15.81 -8.35 4.83
C VAL A 223 -15.18 -7.21 4.02
N TYR A 224 -14.38 -7.53 3.00
CA TYR A 224 -13.76 -6.44 2.25
C TYR A 224 -14.80 -5.77 1.34
N LEU A 225 -15.79 -6.54 0.88
CA LEU A 225 -16.88 -6.00 0.06
C LEU A 225 -17.75 -5.00 0.85
N GLU A 226 -17.79 -5.14 2.17
CA GLU A 226 -18.53 -4.18 2.99
C GLU A 226 -17.48 -3.16 3.42
N GLN A 227 -16.92 -2.57 2.37
CA GLN A 227 -15.69 -1.80 2.41
C GLN A 227 -15.41 -1.27 3.81
N PRO A 230 -18.82 1.39 -2.78
CA PRO A 230 -17.96 1.72 -3.93
C PRO A 230 -16.59 1.05 -3.84
N LEU A 231 -16.41 -0.05 -4.56
CA LEU A 231 -15.14 -0.78 -4.55
C LEU A 231 -14.18 -0.21 -5.60
N VAL A 232 -13.07 0.39 -5.18
CA VAL A 232 -12.12 0.90 -6.17
C VAL A 232 -10.90 -0.03 -6.26
N GLU A 233 -10.82 -0.77 -7.36
CA GLU A 233 -9.85 -1.85 -7.51
C GLU A 233 -9.69 -2.20 -9.00
N CYS A 234 -8.55 -2.80 -9.36
CA CYS A 234 -8.39 -3.34 -10.72
C CYS A 234 -9.11 -4.68 -10.83
N LEU A 235 -10.28 -4.68 -11.48
CA LEU A 235 -11.04 -5.92 -11.64
C LEU A 235 -10.48 -6.75 -12.78
N PRO A 236 -10.28 -8.06 -12.52
CA PRO A 236 -9.95 -8.94 -13.64
C PRO A 236 -11.05 -8.83 -14.69
N PRO A 237 -10.64 -8.68 -15.95
CA PRO A 237 -11.55 -8.56 -17.10
C PRO A 237 -12.52 -9.73 -17.21
N LEU A 238 -12.07 -10.91 -16.80
CA LEU A 238 -12.96 -12.07 -16.75
C LEU A 238 -14.22 -11.80 -15.87
N CYS A 239 -14.19 -10.75 -15.04
CA CYS A 239 -15.39 -10.37 -14.27
C CYS A 239 -16.53 -9.82 -15.15
N LEU A 240 -16.18 -9.25 -16.31
CA LEU A 240 -17.15 -8.62 -17.22
C LEU A 240 -18.17 -9.61 -17.78
N LEU A 241 -19.45 -9.26 -17.72
CA LEU A 241 -20.49 -10.09 -18.32
C LEU A 241 -20.88 -9.56 -19.70
N HIS A 242 -20.28 -8.42 -20.03
CA HIS A 242 -20.54 -7.67 -21.25
C HIS A 242 -19.39 -6.69 -21.40
N GLU A 243 -19.08 -6.29 -22.64
CA GLU A 243 -17.92 -5.46 -22.91
C GLU A 243 -18.06 -4.01 -22.40
N GLY A 244 -19.29 -3.57 -22.14
CA GLY A 244 -19.46 -2.23 -21.61
C GLY A 244 -20.16 -1.29 -22.56
N LEU A 245 -20.98 -0.38 -22.01
CA LEU A 245 -21.73 0.57 -22.81
C LEU A 245 -21.45 1.98 -22.29
N SER A 246 -21.55 2.92 -23.22
CA SER A 246 -21.42 4.33 -22.92
C SER A 246 -22.59 4.81 -22.07
N LEU A 247 -22.29 5.53 -21.00
CA LEU A 247 -23.32 6.01 -20.09
C LEU A 247 -23.50 7.52 -20.19
N ILE A 248 -22.37 8.21 -20.24
CA ILE A 248 -22.31 9.65 -20.21
C ILE A 248 -21.14 10.05 -21.09
N GLU A 249 -21.36 11.01 -21.98
CA GLU A 249 -20.31 11.51 -22.85
C GLU A 249 -20.20 13.05 -22.74
N LEU A 250 -18.98 13.60 -22.70
CA LEU A 250 -18.79 15.03 -22.54
C LEU A 250 -17.97 15.67 -23.65
N ASN A 251 -18.45 16.80 -24.16
CA ASN A 251 -17.66 17.67 -25.00
C ASN A 251 -17.02 18.73 -24.10
N LEU A 252 -15.71 18.73 -23.99
CA LEU A 252 -15.06 19.58 -22.99
C LEU A 252 -15.05 21.07 -23.33
N SER A 253 -15.37 21.42 -24.57
CA SER A 253 -15.42 22.82 -24.94
C SER A 253 -16.77 23.42 -24.60
N THR A 254 -17.78 22.57 -24.43
CA THR A 254 -19.16 23.00 -24.29
C THR A 254 -19.81 22.62 -22.94
N VAL A 255 -19.26 21.64 -22.24
CA VAL A 255 -19.89 21.19 -20.99
C VAL A 255 -19.92 22.33 -19.98
N GLN A 256 -21.04 22.46 -19.29
CA GLN A 256 -21.23 23.50 -18.30
C GLN A 256 -21.54 22.85 -16.98
N GLU A 257 -21.36 23.62 -15.89
CA GLU A 257 -21.51 23.09 -14.56
C GLU A 257 -22.90 22.43 -14.35
N GLU A 258 -23.92 23.00 -14.99
CA GLU A 258 -25.31 22.54 -14.88
C GLU A 258 -25.43 21.04 -15.17
N VAL A 259 -24.58 20.55 -16.07
CA VAL A 259 -24.63 19.15 -16.49
C VAL A 259 -24.25 18.22 -15.34
N LEU A 260 -23.44 18.72 -14.41
CA LEU A 260 -22.95 17.88 -13.32
C LEU A 260 -24.03 17.65 -12.26
N THR A 261 -25.18 18.33 -12.41
CA THR A 261 -26.30 18.16 -11.47
C THR A 261 -27.33 17.09 -11.85
N SER A 262 -27.25 16.58 -13.07
CA SER A 262 -28.25 15.60 -13.54
C SER A 262 -27.64 14.47 -14.35
N LEU A 263 -26.52 13.94 -13.89
CA LEU A 263 -25.83 12.88 -14.61
C LEU A 263 -26.59 11.58 -14.39
N HIS A 264 -27.32 11.13 -15.41
CA HIS A 264 -27.96 9.82 -15.34
C HIS A 264 -28.28 9.31 -16.72
N ASN A 265 -28.41 8.01 -16.84
CA ASN A 265 -28.80 7.42 -18.09
C ASN A 265 -29.25 6.00 -17.86
N THR A 266 -29.89 5.41 -18.87
CA THR A 266 -30.28 4.01 -18.80
C THR A 266 -29.64 3.29 -19.96
N VAL A 267 -28.93 2.20 -19.68
CA VAL A 267 -28.29 1.38 -20.69
C VAL A 267 -28.84 -0.05 -20.70
N HIS A 268 -28.81 -0.69 -21.85
CA HIS A 268 -29.37 -2.03 -22.04
C HIS A 268 -28.33 -3.01 -22.52
N PHE A 269 -27.96 -3.95 -21.66
CA PHE A 269 -26.98 -4.96 -22.02
C PHE A 269 -27.61 -6.20 -22.65
N ASP A 270 -27.25 -6.45 -23.91
CA ASP A 270 -27.67 -7.70 -24.56
C ASP A 270 -26.69 -8.81 -24.21
N LEU A 271 -27.09 -9.68 -23.29
CA LEU A 271 -26.19 -10.75 -22.85
C LEU A 271 -26.22 -11.94 -23.80
N LYS A 272 -27.19 -11.98 -24.72
CA LYS A 272 -27.19 -12.99 -25.78
C LYS A 272 -26.02 -12.76 -26.74
N GLU A 273 -25.34 -13.83 -27.14
CA GLU A 273 -24.22 -13.70 -28.09
C GLU A 273 -23.14 -12.67 -27.63
N SER A 274 -22.98 -12.50 -26.32
CA SER A 274 -21.93 -11.63 -25.80
C SER A 274 -20.75 -12.53 -25.47
N ALA A 275 -19.58 -12.21 -26.01
CA ALA A 275 -18.39 -13.02 -25.79
C ALA A 275 -18.07 -13.14 -24.30
N GLU A 276 -18.22 -12.03 -23.58
CA GLU A 276 -17.91 -12.01 -22.15
C GLU A 276 -18.82 -12.95 -21.37
N PHE A 277 -20.11 -12.89 -21.68
CA PHE A 277 -21.08 -13.72 -20.97
C PHE A 277 -20.82 -15.22 -21.19
N GLN A 278 -20.54 -15.58 -22.44
CA GLN A 278 -20.27 -16.96 -22.80
C GLN A 278 -19.15 -17.61 -21.99
N GLN A 279 -18.14 -16.83 -21.62
CA GLN A 279 -17.08 -17.35 -20.76
C GLN A 279 -17.75 -18.00 -19.56
N HIS A 280 -18.66 -17.27 -18.95
CA HIS A 280 -19.27 -17.80 -17.76
C HIS A 280 -20.36 -18.81 -18.10
N ALA A 281 -21.00 -18.68 -19.24
CA ALA A 281 -22.06 -19.62 -19.59
C ALA A 281 -21.50 -21.03 -19.72
N ARG A 282 -20.29 -21.16 -20.26
CA ARG A 282 -19.65 -22.46 -20.43
C ARG A 282 -19.33 -23.10 -19.08
N GLU A 283 -18.99 -22.29 -18.09
CA GLU A 283 -18.66 -22.81 -16.77
C GLU A 283 -19.90 -23.25 -15.99
N ALA A 284 -21.07 -22.73 -16.37
CA ALA A 284 -22.29 -22.97 -15.63
C ALA A 284 -22.91 -24.35 -15.86
N GLY A 285 -22.71 -24.91 -17.05
CA GLY A 285 -23.35 -26.17 -17.42
C GLY A 285 -24.71 -25.89 -18.03
N SER A 286 -25.29 -26.88 -18.71
CA SER A 286 -26.55 -26.68 -19.47
C SER A 286 -27.72 -26.17 -18.63
N GLU A 287 -27.81 -26.65 -17.40
CA GLU A 287 -28.85 -26.19 -16.48
C GLU A 287 -28.40 -25.01 -15.61
N GLY A 288 -27.13 -24.61 -15.76
CA GLY A 288 -26.57 -23.55 -14.94
C GLY A 288 -27.17 -22.17 -15.12
N ARG A 289 -26.89 -21.30 -14.14
CA ARG A 289 -27.24 -19.89 -14.24
C ARG A 289 -26.02 -19.00 -14.03
N VAL A 290 -25.98 -17.87 -14.72
CA VAL A 290 -24.93 -16.89 -14.51
C VAL A 290 -25.55 -15.73 -13.80
N SER A 291 -24.98 -15.35 -12.66
CA SER A 291 -25.57 -14.29 -11.85
C SER A 291 -24.82 -12.97 -11.98
N VAL A 292 -25.57 -11.88 -11.86
CA VAL A 292 -25.00 -10.55 -11.89
C VAL A 292 -24.80 -10.08 -10.47
N ASP A 293 -23.56 -9.71 -10.12
CA ASP A 293 -23.27 -9.26 -8.75
C ASP A 293 -23.14 -7.75 -8.65
N GLY A 294 -23.04 -7.06 -9.79
CA GLY A 294 -23.00 -5.61 -9.80
C GLY A 294 -22.51 -5.03 -11.10
N PHE A 295 -22.03 -3.79 -11.05
CA PHE A 295 -21.57 -3.07 -12.25
C PHE A 295 -20.22 -2.40 -12.01
N THR A 296 -19.34 -2.42 -13.01
CA THR A 296 -18.09 -1.73 -12.86
C THR A 296 -18.09 -0.54 -13.81
N VAL A 297 -17.49 0.56 -13.36
CA VAL A 297 -17.54 1.82 -14.07
C VAL A 297 -16.15 2.38 -14.34
N TRP A 298 -15.92 2.79 -15.57
CA TRP A 298 -14.66 3.41 -15.94
C TRP A 298 -14.89 4.55 -16.91
N PHE A 299 -13.80 5.16 -17.37
CA PHE A 299 -13.88 6.28 -18.32
C PHE A 299 -12.76 6.27 -19.37
N ASP A 300 -13.05 6.91 -20.50
CA ASP A 300 -12.05 7.29 -21.49
C ASP A 300 -12.00 8.81 -21.61
N VAL A 301 -10.84 9.37 -21.97
CA VAL A 301 -10.80 10.73 -22.48
C VAL A 301 -10.01 10.69 -23.78
N SER A 302 -10.22 11.66 -24.65
CA SER A 302 -9.52 11.61 -25.93
C SER A 302 -9.14 12.97 -26.45
N TYR A 303 -8.11 12.95 -27.30
CA TYR A 303 -7.70 14.11 -28.07
C TYR A 303 -7.09 13.70 -29.40
N GLY A 304 -7.66 14.19 -30.50
CA GLY A 304 -7.18 13.80 -31.82
C GLY A 304 -7.23 12.30 -32.01
N ALA A 305 -6.08 11.69 -32.28
CA ALA A 305 -6.00 10.26 -32.52
C ALA A 305 -5.76 9.46 -31.24
N HIS A 306 -5.63 10.16 -30.12
CA HIS A 306 -5.23 9.48 -28.89
C HIS A 306 -6.39 9.35 -27.90
N THR A 307 -6.42 8.20 -27.23
CA THR A 307 -7.40 7.90 -26.22
C THR A 307 -6.70 7.40 -24.95
N LEU A 308 -7.07 7.95 -23.81
CA LEU A 308 -6.62 7.41 -22.53
C LEU A 308 -7.78 6.68 -21.89
N SER A 309 -7.60 5.38 -21.66
CA SER A 309 -8.66 4.49 -21.19
C SER A 309 -8.35 3.88 -19.85
N THR A 310 -9.37 3.75 -19.00
CA THR A 310 -9.18 3.13 -17.70
C THR A 310 -10.01 1.87 -17.59
N SER A 311 -10.41 1.36 -18.75
CA SER A 311 -11.11 0.08 -18.83
C SER A 311 -10.27 -1.06 -18.26
N PRO A 312 -10.94 -2.07 -17.67
CA PRO A 312 -10.26 -3.29 -17.24
C PRO A 312 -9.57 -4.00 -18.40
N ARG A 313 -9.96 -3.73 -19.64
CA ARG A 313 -9.30 -4.31 -20.83
C ARG A 313 -8.06 -3.51 -21.29
N SER A 314 -7.83 -2.36 -20.67
CA SER A 314 -6.70 -1.51 -21.01
C SER A 314 -5.61 -1.67 -19.97
N PRO A 315 -4.37 -1.26 -20.31
CA PRO A 315 -3.30 -1.31 -19.31
C PRO A 315 -3.69 -0.55 -18.04
N SER A 316 -3.26 -1.09 -16.91
CA SER A 316 -3.60 -0.53 -15.61
C SER A 316 -3.23 0.97 -15.54
N THR A 317 -4.01 1.74 -14.79
CA THR A 317 -3.72 3.17 -14.54
C THR A 317 -3.95 3.41 -13.07
N HIS A 318 -3.57 4.59 -12.57
CA HIS A 318 -3.72 4.88 -11.14
C HIS A 318 -5.18 5.05 -10.75
N TRP A 319 -6.06 5.26 -11.73
CA TRP A 319 -7.51 5.29 -11.49
C TRP A 319 -8.14 3.92 -11.18
N LYS A 320 -7.52 2.83 -11.64
CA LYS A 320 -8.15 1.49 -11.56
C LYS A 320 -9.57 1.52 -12.18
N GLN A 321 -10.53 0.82 -11.58
CA GLN A 321 -11.95 1.00 -11.90
C GLN A 321 -12.75 1.07 -10.62
N THR A 322 -14.01 1.48 -10.75
CA THR A 322 -14.91 1.60 -9.61
C THR A 322 -16.06 0.63 -9.80
N THR A 323 -16.35 -0.15 -8.77
CA THR A 323 -17.31 -1.22 -8.93
C THR A 323 -18.42 -1.03 -7.89
N ILE A 324 -19.67 -1.13 -8.34
CA ILE A 324 -20.83 -0.97 -7.48
C ILE A 324 -21.52 -2.31 -7.32
N LEU A 325 -21.62 -2.83 -6.11
CA LEU A 325 -22.21 -4.15 -5.90
C LEU A 325 -23.71 -4.13 -5.60
N LEU A 326 -24.42 -5.16 -6.02
CA LEU A 326 -25.80 -5.35 -5.55
C LEU A 326 -25.75 -5.73 -4.06
N PRO A 327 -26.85 -5.48 -3.32
CA PRO A 327 -26.95 -5.90 -1.91
C PRO A 327 -26.61 -7.38 -1.74
N ARG A 328 -25.92 -7.71 -0.63
CA ARG A 328 -25.43 -9.06 -0.37
C ARG A 328 -26.54 -10.10 -0.47
N GLU A 329 -27.76 -9.71 -0.12
CA GLU A 329 -28.92 -10.61 -0.27
C GLU A 329 -29.06 -11.03 -1.74
N ALA A 330 -29.02 -10.06 -2.64
CA ALA A 330 -29.13 -10.31 -4.07
C ALA A 330 -27.94 -11.13 -4.56
N ARG A 331 -26.75 -10.89 -3.98
CA ARG A 331 -25.55 -11.61 -4.40
C ARG A 331 -25.54 -13.06 -3.96
N ASN A 332 -25.90 -13.32 -2.70
CA ASN A 332 -25.72 -14.67 -2.19
C ASN A 332 -26.82 -15.61 -2.66
N GLU A 333 -28.03 -15.07 -2.82
CA GLU A 333 -29.13 -15.87 -3.34
C GLU A 333 -29.25 -15.76 -4.86
N GLU A 334 -28.30 -15.07 -5.47
CA GLU A 334 -28.22 -14.92 -6.93
C GLU A 334 -29.54 -14.49 -7.57
N LEU A 335 -30.18 -13.50 -6.96
CA LEU A 335 -31.49 -13.01 -7.38
C LEU A 335 -31.53 -12.39 -8.78
N VAL A 336 -30.38 -12.02 -9.34
CA VAL A 336 -30.34 -11.47 -10.70
C VAL A 336 -29.48 -12.39 -11.56
N SER A 337 -30.11 -13.36 -12.21
CA SER A 337 -29.36 -14.39 -12.92
C SER A 337 -29.94 -14.69 -14.29
N PHE A 338 -29.16 -15.38 -15.11
CA PHE A 338 -29.53 -15.62 -16.49
C PHE A 338 -29.23 -17.04 -16.88
N PRO A 339 -30.07 -17.63 -17.75
CA PRO A 339 -29.80 -18.94 -18.33
C PRO A 339 -28.62 -18.89 -19.31
N VAL A 340 -28.11 -20.06 -19.66
CA VAL A 340 -26.89 -20.20 -20.43
C VAL A 340 -26.97 -19.48 -21.79
N GLU A 341 -28.18 -19.29 -22.32
CA GLU A 341 -28.37 -18.54 -23.54
C GLU A 341 -28.29 -17.01 -23.35
N GLY A 342 -28.24 -16.55 -22.10
CA GLY A 342 -28.14 -15.12 -21.89
C GLY A 342 -29.50 -14.52 -21.67
N GLY A 343 -29.64 -13.24 -21.99
CA GLY A 343 -30.87 -12.52 -21.77
C GLY A 343 -30.58 -11.03 -21.89
N GLU A 344 -31.50 -10.22 -21.38
CA GLU A 344 -31.41 -8.77 -21.53
C GLU A 344 -31.34 -8.14 -20.14
N LEU A 345 -30.40 -7.21 -19.96
CA LEU A 345 -30.21 -6.59 -18.64
C LEU A 345 -30.23 -5.09 -18.79
N GLY A 346 -31.25 -4.47 -18.20
CA GLY A 346 -31.42 -3.03 -18.27
C GLY A 346 -31.12 -2.40 -16.93
N VAL A 347 -30.46 -1.25 -16.95
CA VAL A 347 -30.18 -0.57 -15.70
C VAL A 347 -30.17 0.95 -15.84
N GLU A 348 -30.78 1.61 -14.88
CA GLU A 348 -30.72 3.04 -14.78
C GLU A 348 -29.67 3.40 -13.73
N MET A 349 -28.74 4.26 -14.11
CA MET A 349 -27.66 4.64 -13.21
C MET A 349 -27.63 6.14 -12.97
N HIS A 350 -27.51 6.53 -11.70
CA HIS A 350 -27.37 7.95 -11.36
C HIS A 350 -26.00 8.24 -10.78
N ILE A 351 -25.34 9.26 -11.31
CA ILE A 351 -24.10 9.75 -10.73
C ILE A 351 -24.43 11.05 -9.97
N SER A 352 -24.56 10.95 -8.65
CA SER A 352 -25.16 12.04 -7.85
C SER A 352 -24.15 12.75 -6.98
N ALA A 353 -24.16 14.08 -7.09
CA ALA A 353 -23.30 14.90 -6.28
C ALA A 353 -23.74 14.75 -4.83
N SER A 354 -22.80 14.49 -3.93
CA SER A 354 -23.14 14.26 -2.52
C SER A 354 -23.04 15.56 -1.71
N ASP A 355 -22.60 16.63 -2.35
CA ASP A 355 -22.66 17.98 -1.79
C ASP A 355 -22.65 19.01 -2.91
N LYS A 356 -22.38 20.26 -2.57
CA LYS A 356 -22.53 21.35 -3.54
C LYS A 356 -21.25 21.69 -4.30
N THR A 357 -20.14 21.03 -3.99
CA THR A 357 -18.87 21.29 -4.71
C THR A 357 -18.85 20.72 -6.12
N LEU A 358 -19.66 19.69 -6.34
CA LEU A 358 -19.68 18.94 -7.60
C LEU A 358 -18.31 18.31 -7.83
N ARG A 359 -17.64 17.95 -6.73
CA ARG A 359 -16.37 17.24 -6.79
C ARG A 359 -16.56 15.85 -6.18
N PHE A 360 -17.66 15.63 -5.49
CA PHE A 360 -17.89 14.35 -4.81
C PHE A 360 -19.22 13.74 -5.18
N TYR A 361 -19.19 12.46 -5.52
CA TYR A 361 -20.35 11.83 -6.11
C TYR A 361 -20.61 10.47 -5.53
N THR A 362 -21.86 10.06 -5.64
CA THR A 362 -22.25 8.72 -5.25
C THR A 362 -22.88 8.08 -6.49
N ILE A 363 -22.73 6.77 -6.63
CA ILE A 363 -23.33 6.07 -7.76
C ILE A 363 -24.55 5.31 -7.27
N GLU A 364 -25.70 5.55 -7.90
CA GLU A 364 -26.92 4.85 -7.50
C GLU A 364 -27.50 4.13 -8.72
N LEU A 365 -28.07 2.95 -8.53
CA LEU A 365 -28.61 2.24 -9.68
C LEU A 365 -29.89 1.50 -9.36
N GLU A 366 -30.72 1.36 -10.38
CA GLU A 366 -31.96 0.61 -10.28
C GLU A 366 -32.07 -0.31 -11.49
N LEU A 367 -32.26 -1.61 -11.25
CA LEU A 367 -32.45 -2.56 -12.34
C LEU A 367 -33.85 -2.49 -12.92
N LYS A 368 -33.89 -2.58 -14.25
CA LYS A 368 -35.16 -2.67 -14.99
C LYS A 368 -35.83 -4.03 -14.77
N ASP B 26 -8.52 -9.63 11.83
CA ASP B 26 -8.36 -9.14 10.46
C ASP B 26 -7.49 -10.08 9.62
N LEU B 27 -8.16 -10.83 8.76
CA LEU B 27 -7.52 -11.84 7.95
C LEU B 27 -6.54 -11.31 6.90
N ALA B 28 -6.66 -10.04 6.54
CA ALA B 28 -5.73 -9.46 5.56
C ALA B 28 -4.34 -9.36 6.17
N VAL B 29 -4.27 -9.02 7.44
CA VAL B 29 -2.97 -8.98 8.10
C VAL B 29 -2.44 -10.41 8.18
N HIS B 30 -3.31 -11.39 8.42
CA HIS B 30 -2.84 -12.77 8.49
C HIS B 30 -2.34 -13.28 7.14
N ARG B 31 -2.99 -12.90 6.03
CA ARG B 31 -2.49 -13.33 4.73
C ARG B 31 -1.07 -12.85 4.52
N LEU B 32 -0.83 -11.58 4.87
CA LEU B 32 0.48 -10.96 4.82
C LEU B 32 1.52 -11.78 5.58
N MET B 33 1.17 -12.26 6.77
CA MET B 33 2.10 -13.07 7.55
C MET B 33 2.24 -14.48 6.93
N LEU B 34 1.18 -15.00 6.34
CA LEU B 34 1.24 -16.30 5.67
C LEU B 34 1.97 -16.24 4.31
N GLU B 35 2.04 -15.05 3.74
CA GLU B 35 2.75 -14.79 2.49
C GLU B 35 4.23 -14.48 2.68
N ASP B 36 4.65 -14.26 3.93
CA ASP B 36 6.06 -14.03 4.25
C ASP B 36 6.84 -15.34 4.23
N ALA B 37 7.47 -15.63 3.10
CA ALA B 37 8.10 -16.93 2.88
C ALA B 37 9.19 -17.26 3.89
N GLN B 38 9.94 -16.23 4.28
CA GLN B 38 11.00 -16.42 5.27
C GLN B 38 10.41 -16.88 6.61
N ARG B 39 9.40 -16.14 7.08
CA ARG B 39 8.73 -16.41 8.34
C ARG B 39 8.17 -17.83 8.30
N MET B 40 7.48 -18.16 7.21
CA MET B 40 6.88 -19.50 7.05
C MET B 40 7.88 -20.66 7.01
N SER B 41 8.99 -20.50 6.28
CA SER B 41 9.94 -21.60 6.15
C SER B 41 10.69 -21.82 7.47
N PHE B 42 11.00 -20.73 8.17
CA PHE B 42 11.60 -20.86 9.49
C PHE B 42 10.74 -21.72 10.44
N TYR B 43 9.44 -21.43 10.51
CA TYR B 43 8.56 -22.18 11.40
C TYR B 43 8.28 -23.59 10.89
N ARG B 44 8.03 -23.75 9.58
CA ARG B 44 7.79 -25.09 9.04
C ARG B 44 8.98 -26.00 9.30
N LYS B 45 10.19 -25.49 9.02
CA LYS B 45 11.42 -26.25 9.25
C LYS B 45 11.69 -26.53 10.73
N SER B 46 11.50 -25.52 11.60
CA SER B 46 11.74 -25.74 13.03
C SER B 46 10.82 -26.82 13.59
N ILE B 47 9.55 -26.77 13.21
CA ILE B 47 8.55 -27.69 13.72
C ILE B 47 8.75 -29.12 13.20
N GLU B 48 8.99 -29.22 11.89
CA GLU B 48 9.19 -30.52 11.25
C GLU B 48 10.55 -31.15 11.55
N GLN B 49 11.51 -30.35 11.98
CA GLN B 49 12.85 -30.86 12.32
C GLN B 49 13.08 -31.00 13.82
N SER B 50 12.15 -30.48 14.62
CA SER B 50 12.25 -30.61 16.08
C SER B 50 12.05 -32.06 16.54
N ALA B 51 12.86 -32.47 17.52
CA ALA B 51 12.75 -33.81 18.08
C ALA B 51 11.92 -33.85 19.35
N SER B 52 11.23 -32.76 19.67
CA SER B 52 10.44 -32.76 20.90
C SER B 52 8.94 -32.70 20.63
N ILE B 53 8.54 -32.75 19.36
CA ILE B 53 7.12 -32.58 18.99
C ILE B 53 6.36 -33.89 18.80
N GLU B 54 6.93 -34.82 18.04
CA GLU B 54 6.23 -36.07 17.75
C GLU B 54 5.91 -36.85 19.02
N GLY B 55 4.65 -37.23 19.18
CA GLY B 55 4.23 -37.96 20.37
C GLY B 55 4.15 -37.11 21.63
N LYS B 56 4.34 -35.80 21.49
CA LYS B 56 4.35 -34.89 22.63
C LYS B 56 3.21 -33.84 22.55
N VAL B 57 2.98 -33.12 23.63
CA VAL B 57 1.88 -32.17 23.71
C VAL B 57 2.41 -30.78 23.45
N VAL B 58 1.76 -30.07 22.53
CA VAL B 58 2.22 -28.75 22.09
C VAL B 58 1.20 -27.66 22.43
N VAL B 59 1.69 -26.48 22.81
CA VAL B 59 0.84 -25.31 22.92
C VAL B 59 1.21 -24.25 21.88
N ASP B 60 0.20 -23.77 21.15
CA ASP B 60 0.37 -22.69 20.18
C ASP B 60 -0.27 -21.42 20.77
N VAL B 61 0.57 -20.48 21.16
CA VAL B 61 0.13 -19.28 21.84
C VAL B 61 -0.08 -18.12 20.86
N GLY B 62 -1.34 -17.70 20.70
CA GLY B 62 -1.68 -16.70 19.70
C GLY B 62 -1.72 -17.34 18.33
N SER B 63 -2.57 -18.36 18.19
CA SER B 63 -2.55 -19.22 17.01
C SER B 63 -3.18 -18.63 15.73
N GLY B 64 -4.03 -17.62 15.86
CA GLY B 64 -4.60 -16.96 14.69
C GLY B 64 -5.32 -17.91 13.75
N THR B 65 -4.71 -18.16 12.58
CA THR B 65 -5.30 -19.08 11.62
C THR B 65 -5.10 -20.52 12.05
N GLY B 66 -4.17 -20.72 12.97
CA GLY B 66 -3.85 -22.06 13.44
C GLY B 66 -2.79 -22.78 12.63
N ILE B 67 -2.10 -22.05 11.73
CA ILE B 67 -1.08 -22.67 10.89
C ILE B 67 0.00 -23.43 11.70
N LEU B 68 0.52 -22.82 12.77
CA LEU B 68 1.55 -23.47 13.56
C LEU B 68 1.00 -24.72 14.25
N SER B 69 -0.24 -24.66 14.73
CA SER B 69 -0.88 -25.84 15.32
C SER B 69 -1.04 -27.01 14.36
N MET B 70 -1.52 -26.70 13.16
CA MET B 70 -1.77 -27.74 12.18
C MET B 70 -0.45 -28.33 11.70
N TRP B 71 0.59 -27.50 11.60
CA TRP B 71 1.91 -28.03 11.29
C TRP B 71 2.38 -28.96 12.39
N ALA B 72 2.12 -28.59 13.64
CA ALA B 72 2.54 -29.41 14.78
C ALA B 72 1.81 -30.75 14.77
N ALA B 73 0.53 -30.73 14.39
CA ALA B 73 -0.24 -31.98 14.28
C ALA B 73 0.32 -32.84 13.15
N ARG B 74 0.61 -32.24 11.99
CA ARG B 74 1.21 -32.97 10.87
C ARG B 74 2.56 -33.60 11.23
N ALA B 75 3.27 -33.04 12.19
CA ALA B 75 4.57 -33.58 12.60
C ALA B 75 4.42 -34.69 13.63
N GLY B 76 3.19 -35.07 13.95
CA GLY B 76 2.95 -36.21 14.83
C GLY B 76 2.75 -35.86 16.31
N ALA B 77 2.40 -34.61 16.59
CA ALA B 77 2.13 -34.23 17.98
C ALA B 77 1.03 -35.09 18.59
N LYS B 78 1.16 -35.41 19.86
CA LYS B 78 0.11 -36.16 20.55
C LYS B 78 -1.17 -35.33 20.58
N HIS B 79 -1.05 -34.10 21.05
CA HIS B 79 -2.17 -33.19 21.02
C HIS B 79 -1.71 -31.73 21.02
N VAL B 80 -2.50 -30.85 20.43
CA VAL B 80 -2.12 -29.44 20.42
C VAL B 80 -3.21 -28.58 21.05
N PHE B 81 -2.80 -27.73 21.99
CA PHE B 81 -3.70 -26.72 22.52
C PHE B 81 -3.46 -25.44 21.76
N SER B 82 -4.50 -24.96 21.08
CA SER B 82 -4.40 -23.77 20.24
C SER B 82 -5.13 -22.59 20.90
N ILE B 83 -4.38 -21.58 21.32
CA ILE B 83 -4.92 -20.45 22.06
C ILE B 83 -5.04 -19.23 21.15
N GLU B 84 -6.26 -18.72 21.01
CA GLU B 84 -6.48 -17.54 20.16
C GLU B 84 -7.62 -16.71 20.73
N ALA B 85 -7.32 -15.44 21.05
CA ALA B 85 -8.26 -14.57 21.75
C ALA B 85 -9.34 -13.99 20.86
N SER B 86 -9.08 -13.85 19.57
CA SER B 86 -10.05 -13.17 18.70
C SER B 86 -11.11 -14.13 18.18
N SER B 87 -12.03 -13.58 17.41
CA SER B 87 -13.17 -14.34 16.90
C SER B 87 -12.75 -15.25 15.77
N LEU B 88 -11.47 -15.16 15.38
CA LEU B 88 -10.84 -16.09 14.47
C LEU B 88 -10.87 -17.51 15.04
N SER B 89 -10.85 -17.60 16.36
CA SER B 89 -10.83 -18.89 17.04
C SER B 89 -12.01 -19.76 16.63
N GLU B 90 -13.17 -19.15 16.51
CA GLU B 90 -14.38 -19.87 16.15
C GLU B 90 -14.24 -20.43 14.72
N PHE B 91 -13.69 -19.65 13.80
CA PHE B 91 -13.47 -20.15 12.44
C PHE B 91 -12.32 -21.13 12.39
N GLN B 92 -11.33 -20.97 13.28
CA GLN B 92 -10.22 -21.93 13.34
C GLN B 92 -10.71 -23.34 13.65
N ILE B 93 -11.75 -23.44 14.47
CA ILE B 93 -12.36 -24.74 14.75
C ILE B 93 -12.83 -25.42 13.46
N GLY B 94 -13.54 -24.66 12.62
CA GLY B 94 -14.00 -25.17 11.34
C GLY B 94 -12.86 -25.60 10.43
N VAL B 95 -11.83 -24.77 10.33
CA VAL B 95 -10.68 -25.08 9.49
C VAL B 95 -9.89 -26.29 10.01
N VAL B 96 -9.80 -26.46 11.32
CA VAL B 96 -9.20 -27.67 11.89
C VAL B 96 -10.02 -28.88 11.43
N GLU B 97 -11.34 -28.72 11.43
CA GLU B 97 -12.24 -29.73 10.91
C GLU B 97 -12.08 -29.96 9.40
N ASP B 98 -12.04 -28.88 8.62
CA ASP B 98 -11.85 -28.98 7.17
C ASP B 98 -10.56 -29.72 6.79
N ASN B 99 -9.60 -29.77 7.71
CA ASN B 99 -8.35 -30.49 7.46
C ASN B 99 -8.25 -31.78 8.28
N ASP B 100 -9.37 -32.23 8.81
CA ASP B 100 -9.44 -33.54 9.48
C ASP B 100 -8.49 -33.65 10.69
N LEU B 101 -8.46 -32.64 11.54
CA LEU B 101 -7.50 -32.61 12.64
C LEU B 101 -8.17 -32.39 14.00
N SER B 102 -9.48 -32.59 14.05
CA SER B 102 -10.25 -32.24 15.24
C SER B 102 -9.89 -33.08 16.46
N THR B 103 -9.32 -34.27 16.27
CA THR B 103 -8.95 -35.05 17.44
C THR B 103 -7.57 -34.62 17.93
N LYS B 104 -6.85 -33.88 17.11
CA LYS B 104 -5.45 -33.58 17.45
C LYS B 104 -5.24 -32.14 17.91
N ILE B 105 -6.22 -31.29 17.67
CA ILE B 105 -6.12 -29.86 18.01
C ILE B 105 -7.36 -29.37 18.76
N THR B 106 -7.14 -28.81 19.94
CA THR B 106 -8.19 -28.19 20.72
C THR B 106 -8.02 -26.69 20.67
N VAL B 107 -9.05 -25.99 20.19
CA VAL B 107 -9.00 -24.54 20.14
C VAL B 107 -9.54 -23.96 21.44
N LEU B 108 -8.74 -23.13 22.10
CA LEU B 108 -9.14 -22.40 23.29
C LEU B 108 -9.31 -20.96 22.91
N GLY B 109 -10.57 -20.55 22.70
CA GLY B 109 -10.87 -19.20 22.24
C GLY B 109 -10.89 -18.25 23.42
N ASP B 110 -9.71 -17.84 23.91
CA ASP B 110 -9.61 -17.04 25.12
C ASP B 110 -8.28 -16.32 25.12
N THR B 111 -8.11 -15.32 25.99
CA THR B 111 -6.78 -14.74 26.12
C THR B 111 -5.94 -15.70 26.95
N VAL B 112 -4.65 -15.68 26.71
CA VAL B 112 -3.72 -16.35 27.60
C VAL B 112 -3.98 -15.89 29.02
N GLU B 113 -4.12 -14.58 29.20
CA GLU B 113 -4.24 -14.03 30.54
C GLU B 113 -5.51 -14.53 31.25
N ASN B 114 -6.60 -14.70 30.52
CA ASN B 114 -7.81 -15.20 31.15
C ASN B 114 -7.74 -16.69 31.49
N ILE B 115 -7.08 -17.48 30.64
CA ILE B 115 -6.91 -18.90 30.93
C ILE B 115 -6.03 -19.08 32.18
N ILE B 116 -4.97 -18.28 32.28
CA ILE B 116 -4.11 -18.34 33.48
C ILE B 116 -4.93 -18.01 34.73
N ALA B 117 -5.73 -16.95 34.65
CA ALA B 117 -6.57 -16.53 35.77
C ALA B 117 -7.50 -17.63 36.28
N GLY B 118 -7.82 -18.62 35.43
CA GLY B 118 -8.62 -19.76 35.84
C GLY B 118 -7.87 -20.67 36.80
N GLY B 119 -6.55 -20.55 36.81
CA GLY B 119 -5.76 -21.31 37.74
C GLY B 119 -5.30 -22.63 37.16
N VAL B 120 -4.25 -23.19 37.76
CA VAL B 120 -3.62 -24.41 37.30
C VAL B 120 -4.50 -25.65 37.41
N ALA B 121 -5.05 -25.87 38.60
CA ALA B 121 -5.80 -27.09 38.86
C ALA B 121 -7.02 -27.16 37.96
N ASN B 122 -7.59 -26.01 37.65
CA ASN B 122 -8.76 -26.00 36.78
C ASN B 122 -8.36 -26.37 35.36
N PHE B 123 -7.18 -25.93 34.92
CA PHE B 123 -6.74 -26.32 33.59
C PHE B 123 -6.51 -27.81 33.54
N VAL B 124 -5.82 -28.34 34.55
CA VAL B 124 -5.43 -29.74 34.52
C VAL B 124 -6.63 -30.66 34.52
N ASN B 125 -7.64 -30.33 35.31
CA ASN B 125 -8.83 -31.17 35.36
C ASN B 125 -9.68 -31.14 34.12
N ARG B 126 -9.79 -29.98 33.48
CA ARG B 126 -10.56 -29.85 32.26
C ARG B 126 -9.92 -30.60 31.07
N HIS B 127 -8.60 -30.72 31.08
CA HIS B 127 -7.89 -31.29 29.94
C HIS B 127 -6.98 -32.45 30.32
N LYS B 128 -7.24 -33.08 31.48
CA LYS B 128 -6.33 -34.09 32.03
C LYS B 128 -5.92 -35.22 31.08
N ALA B 129 -6.83 -35.68 30.24
CA ALA B 129 -6.50 -36.76 29.31
C ALA B 129 -5.57 -36.30 28.17
N LYS B 130 -5.71 -35.04 27.75
CA LYS B 130 -4.88 -34.52 26.64
C LYS B 130 -3.47 -34.15 27.07
N LEU B 131 -3.31 -33.72 28.32
CA LEU B 131 -1.99 -33.43 28.87
C LEU B 131 -1.21 -34.71 29.01
N GLY B 132 -1.91 -35.77 29.40
CA GLY B 132 -1.33 -37.08 29.63
C GLY B 132 -0.34 -37.05 30.78
N LYS B 133 0.65 -37.93 30.76
CA LYS B 133 1.53 -38.03 31.92
C LYS B 133 2.76 -37.16 31.77
N CYS B 134 2.93 -36.58 30.60
CA CYS B 134 4.16 -35.85 30.32
C CYS B 134 3.92 -34.34 30.30
N GLY B 135 2.66 -33.93 30.15
CA GLY B 135 2.36 -32.52 30.12
C GLY B 135 2.77 -31.85 28.82
N VAL B 136 2.88 -30.53 28.87
CA VAL B 136 3.25 -29.73 27.72
C VAL B 136 4.76 -29.80 27.50
N ALA B 137 5.16 -30.21 26.30
CA ALA B 137 6.59 -30.35 25.97
C ALA B 137 7.16 -29.12 25.23
N VAL B 138 6.34 -28.56 24.35
CA VAL B 138 6.73 -27.52 23.39
C VAL B 138 5.71 -26.38 23.37
N LEU B 139 6.21 -25.14 23.35
CA LEU B 139 5.34 -23.98 23.22
C LEU B 139 5.68 -23.24 21.93
N LEU B 140 4.78 -23.29 20.95
CA LEU B 140 4.99 -22.64 19.65
C LEU B 140 4.40 -21.25 19.64
N SER B 141 5.08 -20.30 19.02
CA SER B 141 4.53 -18.96 18.98
C SER B 141 5.22 -18.05 17.99
N GLU B 142 4.46 -17.14 17.43
CA GLU B 142 5.02 -16.07 16.62
C GLU B 142 4.59 -14.71 17.20
N TRP B 143 5.43 -14.20 18.09
CA TRP B 143 5.10 -13.09 18.95
C TRP B 143 5.84 -11.83 18.57
N MET B 144 6.80 -11.96 17.64
CA MET B 144 7.73 -10.87 17.34
C MET B 144 7.07 -9.66 16.71
N GLY B 145 7.36 -8.50 17.28
CA GLY B 145 6.96 -7.25 16.67
C GLY B 145 8.15 -6.60 15.98
N PHE B 146 7.96 -5.34 15.61
CA PHE B 146 9.04 -4.54 15.08
C PHE B 146 10.14 -4.40 16.10
N TYR B 147 11.36 -4.50 15.62
CA TYR B 147 12.51 -4.71 16.46
C TYR B 147 12.24 -5.59 17.66
N LEU B 148 11.53 -6.65 17.40
CA LEU B 148 11.14 -7.66 18.39
C LEU B 148 10.09 -7.29 19.45
N PHE B 149 9.92 -6.07 19.76
CA PHE B 149 9.22 -5.68 20.98
C PHE B 149 7.98 -4.87 20.61
N HIS B 150 8.09 -4.04 19.56
CA HIS B 150 7.01 -3.10 19.25
C HIS B 150 5.86 -3.72 18.47
N GLU B 151 4.69 -3.65 19.08
CA GLU B 151 3.46 -4.27 18.57
C GLU B 151 3.66 -5.77 18.56
N GLY B 152 4.50 -6.26 19.46
CA GLY B 152 4.71 -7.69 19.58
C GLY B 152 3.82 -8.25 20.67
N MET B 153 3.97 -9.55 20.94
CA MET B 153 3.13 -10.27 21.88
C MET B 153 3.96 -11.02 22.95
N LEU B 154 5.23 -10.65 23.09
CA LEU B 154 6.13 -11.36 24.00
C LEU B 154 5.62 -11.52 25.45
N PRO B 155 5.00 -10.46 26.05
CA PRO B 155 4.57 -10.64 27.45
C PRO B 155 3.57 -11.77 27.65
N SER B 156 2.73 -12.02 26.66
CA SER B 156 1.79 -13.13 26.73
C SER B 156 2.50 -14.46 26.59
N VAL B 157 3.55 -14.50 25.79
CA VAL B 157 4.30 -15.75 25.62
C VAL B 157 5.02 -16.10 26.92
N ILE B 158 5.62 -15.10 27.55
CA ILE B 158 6.27 -15.29 28.83
C ILE B 158 5.28 -15.81 29.88
N ARG B 159 4.11 -15.16 29.99
CA ARG B 159 3.06 -15.59 30.92
C ARG B 159 2.57 -17.00 30.61
N ALA B 160 2.40 -17.33 29.34
CA ALA B 160 1.97 -18.67 28.97
C ALA B 160 3.02 -19.72 29.39
N ARG B 161 4.28 -19.41 29.12
CA ARG B 161 5.36 -20.34 29.42
C ARG B 161 5.36 -20.64 30.90
N ASN B 162 5.35 -19.58 31.70
CA ASN B 162 5.33 -19.75 33.14
C ASN B 162 4.12 -20.52 33.63
N PHE B 163 2.95 -20.25 33.04
CA PHE B 163 1.75 -20.95 33.45
C PHE B 163 1.80 -22.44 33.14
N PHE B 164 2.28 -22.80 31.96
CA PHE B 164 2.27 -24.20 31.56
C PHE B 164 3.39 -25.00 32.21
N GLN B 165 4.39 -24.30 32.70
CA GLN B 165 5.40 -24.95 33.52
C GLN B 165 4.84 -25.23 34.94
N ASP B 166 3.92 -24.36 35.41
CA ASP B 166 3.18 -24.64 36.65
C ASP B 166 2.26 -25.84 36.47
N VAL B 167 1.61 -25.92 35.32
CA VAL B 167 0.78 -27.08 34.99
C VAL B 167 1.61 -28.36 34.98
N ASN B 168 2.81 -28.28 34.40
CA ASN B 168 3.69 -29.42 34.36
C ASN B 168 4.13 -29.83 35.77
N ALA B 169 4.47 -28.83 36.59
CA ALA B 169 4.89 -29.07 37.97
C ALA B 169 3.78 -29.76 38.76
N ALA B 170 2.55 -29.35 38.51
CA ALA B 170 1.42 -29.97 39.19
C ALA B 170 1.31 -31.45 38.83
N LEU B 171 1.77 -31.80 37.64
CA LEU B 171 1.79 -33.19 37.17
C LEU B 171 3.10 -33.89 37.51
N GLY B 172 3.98 -33.20 38.26
CA GLY B 172 5.28 -33.77 38.57
C GLY B 172 6.30 -33.73 37.44
N VAL B 173 6.07 -32.91 36.41
CA VAL B 173 7.06 -32.75 35.34
C VAL B 173 7.87 -31.46 35.52
N LEU B 174 9.18 -31.60 35.71
CA LEU B 174 10.01 -30.43 35.97
C LEU B 174 10.88 -30.13 34.75
N GLN B 175 10.80 -30.99 33.75
CA GLN B 175 11.49 -30.75 32.48
C GLN B 175 11.01 -29.44 31.88
N PRO B 176 11.95 -28.55 31.56
CA PRO B 176 11.56 -27.23 31.06
C PRO B 176 10.97 -27.31 29.67
N ILE B 177 10.07 -26.38 29.36
CA ILE B 177 9.34 -26.41 28.10
C ILE B 177 10.25 -25.90 26.98
N GLU B 178 10.28 -26.62 25.87
CA GLU B 178 11.00 -26.16 24.70
C GLU B 178 10.26 -25.01 24.00
N MET B 179 10.94 -23.86 23.90
CA MET B 179 10.40 -22.68 23.24
C MET B 179 10.82 -22.63 21.77
N ILE B 180 9.87 -22.32 20.90
CA ILE B 180 10.17 -22.09 19.48
C ILE B 180 9.56 -20.80 19.01
N PRO B 181 10.41 -19.80 18.68
CA PRO B 181 11.87 -19.87 18.69
C PRO B 181 12.46 -19.91 20.09
N GLU B 182 13.71 -20.33 20.22
CA GLU B 182 14.36 -20.46 21.53
C GLU B 182 15.16 -19.23 21.87
N ARG B 183 15.50 -18.43 20.87
CA ARG B 183 16.37 -17.29 21.06
C ARG B 183 15.98 -16.15 20.16
N ALA B 184 16.25 -14.93 20.60
CA ALA B 184 15.97 -13.74 19.81
C ALA B 184 17.07 -12.70 20.03
N THR B 185 17.49 -12.04 18.96
CA THR B 185 18.51 -11.02 19.10
C THR B 185 18.14 -9.74 18.35
N VAL B 186 18.33 -8.61 19.00
CA VAL B 186 18.21 -7.32 18.33
C VAL B 186 19.57 -6.86 17.82
N PHE B 187 19.67 -6.56 16.53
CA PHE B 187 20.90 -6.01 15.95
C PHE B 187 20.76 -4.57 15.53
N VAL B 188 21.87 -3.84 15.60
CA VAL B 188 21.94 -2.43 15.23
C VAL B 188 23.16 -2.21 14.35
N ALA B 189 23.04 -1.31 13.38
CA ALA B 189 24.18 -0.94 12.55
C ALA B 189 24.07 0.50 12.11
N PRO B 190 25.20 1.22 12.04
CA PRO B 190 25.17 2.57 11.47
C PRO B 190 24.96 2.51 9.96
N ILE B 191 24.21 3.47 9.43
CA ILE B 191 23.95 3.51 8.00
C ILE B 191 24.26 4.87 7.40
N THR B 192 24.50 4.87 6.10
CA THR B 192 24.48 6.09 5.30
C THR B 192 23.17 6.12 4.51
N CYS B 193 22.54 7.29 4.40
CA CYS B 193 21.26 7.35 3.71
C CYS B 193 21.34 7.44 2.20
N LYS B 194 22.54 7.73 1.69
CA LYS B 194 22.75 7.99 0.27
C LYS B 194 22.20 6.91 -0.67
N PRO B 195 22.53 5.62 -0.43
CA PRO B 195 22.01 4.65 -1.41
C PRO B 195 20.49 4.55 -1.41
N TYR B 196 19.85 4.78 -0.27
CA TYR B 196 18.41 4.77 -0.21
C TYR B 196 17.83 5.97 -0.97
N TYR B 197 18.45 7.13 -0.80
CA TYR B 197 18.08 8.31 -1.54
C TYR B 197 18.22 8.07 -3.03
N VAL B 198 19.37 7.51 -3.41
CA VAL B 198 19.68 7.31 -4.82
C VAL B 198 18.71 6.32 -5.44
N GLN B 199 18.46 5.21 -4.75
CA GLN B 199 17.64 4.14 -5.31
C GLN B 199 16.12 4.42 -5.24
N ARG B 200 15.66 5.07 -4.19
CA ARG B 200 14.23 5.24 -4.05
C ARG B 200 13.75 6.64 -4.45
N TYR B 201 14.67 7.54 -4.82
CA TYR B 201 14.27 8.92 -5.11
C TYR B 201 15.02 9.53 -6.30
N LYS B 202 16.33 9.60 -6.21
CA LYS B 202 17.12 10.33 -7.18
C LYS B 202 17.03 9.69 -8.55
N ASN B 203 17.01 8.37 -8.59
CA ASN B 203 16.90 7.65 -9.85
C ASN B 203 15.60 7.97 -10.60
N PHE B 204 14.48 8.06 -9.90
CA PHE B 204 13.21 8.36 -10.57
C PHE B 204 13.10 9.84 -10.98
N TRP B 205 13.44 10.75 -10.07
CA TRP B 205 13.20 12.16 -10.28
C TRP B 205 14.23 12.83 -11.21
N ARG B 206 15.33 12.16 -11.50
CA ARG B 206 16.42 12.83 -12.22
C ARG B 206 16.02 13.20 -13.63
N ASP B 207 15.19 12.36 -14.24
CA ASP B 207 14.75 12.57 -15.61
C ASP B 207 13.32 12.10 -15.84
N VAL B 208 12.40 13.05 -15.96
CA VAL B 208 11.03 12.71 -16.28
C VAL B 208 10.77 13.20 -17.69
N ASP B 209 10.89 12.29 -18.66
CA ASP B 209 10.90 12.66 -20.07
C ASP B 209 11.78 13.88 -20.38
N GLY B 210 13.07 13.78 -20.07
CA GLY B 210 14.02 14.82 -20.40
C GLY B 210 14.02 15.99 -19.44
N LEU B 211 13.02 16.01 -18.55
CA LEU B 211 12.99 17.06 -17.56
C LEU B 211 13.75 16.68 -16.30
N ASP B 212 14.46 17.65 -15.74
CA ASP B 212 15.15 17.42 -14.50
C ASP B 212 14.24 17.77 -13.34
N PHE B 213 13.61 16.75 -12.76
CA PHE B 213 12.71 16.98 -11.64
C PHE B 213 13.42 16.66 -10.33
N SER B 214 14.76 16.68 -10.36
CA SER B 214 15.54 16.21 -9.21
C SER B 214 15.30 17.07 -7.97
N ARG B 215 14.89 18.33 -8.16
CA ARG B 215 14.46 19.17 -7.04
C ARG B 215 13.24 18.60 -6.30
N TYR B 216 12.33 18.01 -7.06
CA TYR B 216 11.18 17.36 -6.44
C TYR B 216 11.65 16.16 -5.63
N GLY B 217 12.67 15.48 -6.13
CA GLY B 217 13.24 14.33 -5.46
C GLY B 217 13.79 14.61 -4.07
N ARG B 218 14.54 15.70 -3.92
CA ARG B 218 15.04 16.08 -2.61
C ARG B 218 13.92 16.41 -1.66
N ILE B 219 12.95 17.16 -2.13
CA ILE B 219 11.82 17.54 -1.28
C ILE B 219 11.03 16.31 -0.81
N GLU B 220 10.66 15.42 -1.73
CA GLU B 220 9.88 14.23 -1.36
C GLU B 220 10.63 13.41 -0.31
N TYR B 221 11.93 13.31 -0.51
CA TYR B 221 12.81 12.57 0.37
C TYR B 221 12.87 13.19 1.76
N GLU B 222 13.27 14.45 1.82
CA GLU B 222 13.39 15.14 3.11
C GLU B 222 12.10 15.18 3.89
N VAL B 223 10.98 15.36 3.21
CA VAL B 223 9.73 15.51 3.93
C VAL B 223 9.28 14.15 4.45
N TYR B 224 9.70 13.09 3.77
CA TYR B 224 9.27 11.77 4.16
C TYR B 224 10.02 11.32 5.43
N LEU B 225 11.26 11.79 5.57
CA LEU B 225 12.07 11.47 6.75
C LEU B 225 11.45 12.05 8.02
N GLU B 226 10.73 13.16 7.88
CA GLU B 226 10.05 13.74 9.03
C GLU B 226 8.55 13.46 9.02
N GLN B 227 8.21 12.18 9.18
CA GLN B 227 6.81 11.74 9.19
C GLN B 227 6.71 10.33 9.75
N PRO B 230 10.64 7.35 13.49
CA PRO B 230 10.92 5.92 13.29
C PRO B 230 10.56 5.43 11.87
N LEU B 231 11.56 5.33 11.00
CA LEU B 231 11.33 4.91 9.62
C LEU B 231 11.26 3.40 9.48
N VAL B 232 10.12 2.87 9.06
CA VAL B 232 9.97 1.45 8.83
C VAL B 232 9.98 1.14 7.34
N GLU B 233 11.07 0.55 6.85
CA GLU B 233 11.30 0.43 5.43
C GLU B 233 12.39 -0.61 5.12
N CYS B 234 12.38 -1.19 3.93
CA CYS B 234 13.46 -2.08 3.50
C CYS B 234 14.63 -1.24 3.07
N LEU B 235 15.68 -1.17 3.88
CA LEU B 235 16.85 -0.38 3.51
C LEU B 235 17.72 -1.21 2.57
N PRO B 236 18.22 -0.60 1.48
CA PRO B 236 19.21 -1.29 0.66
C PRO B 236 20.42 -1.69 1.52
N PRO B 237 20.92 -2.92 1.35
CA PRO B 237 22.08 -3.40 2.10
C PRO B 237 23.31 -2.49 1.95
N LEU B 238 23.48 -1.84 0.80
CA LEU B 238 24.56 -0.87 0.61
C LEU B 238 24.54 0.29 1.63
N CYS B 239 23.40 0.49 2.32
CA CYS B 239 23.31 1.54 3.37
C CYS B 239 24.15 1.24 4.62
N LEU B 240 24.42 -0.03 4.87
CA LEU B 240 25.14 -0.43 6.09
C LEU B 240 26.57 0.09 6.08
N LEU B 241 26.97 0.74 7.17
CA LEU B 241 28.35 1.17 7.30
C LEU B 241 29.09 0.10 8.12
N HIS B 242 28.35 -0.91 8.56
CA HIS B 242 28.87 -1.98 9.42
C HIS B 242 27.90 -3.15 9.36
N GLU B 243 28.38 -4.37 9.59
CA GLU B 243 27.54 -5.56 9.42
C GLU B 243 26.46 -5.67 10.50
N GLY B 244 26.64 -4.98 11.62
CA GLY B 244 25.66 -5.00 12.67
C GLY B 244 26.17 -5.70 13.93
N LEU B 245 25.78 -5.20 15.09
CA LEU B 245 26.23 -5.79 16.34
C LEU B 245 24.99 -6.10 17.17
N SER B 246 25.15 -7.07 18.06
CA SER B 246 24.11 -7.47 18.98
C SER B 246 23.86 -6.39 20.03
N LEU B 247 22.61 -6.01 20.22
CA LEU B 247 22.28 -4.99 21.21
C LEU B 247 21.63 -5.67 22.42
N ILE B 248 20.71 -6.57 22.13
CA ILE B 248 19.90 -7.21 23.13
C ILE B 248 19.68 -8.65 22.74
N GLU B 249 19.96 -9.54 23.67
CA GLU B 249 19.74 -10.96 23.40
C GLU B 249 18.83 -11.55 24.45
N LEU B 250 17.92 -12.42 24.01
CA LEU B 250 16.92 -13.04 24.88
C LEU B 250 16.99 -14.57 24.82
N ASN B 251 16.96 -15.21 25.99
CA ASN B 251 16.71 -16.65 26.06
C ASN B 251 15.22 -16.85 26.35
N LEU B 252 14.49 -17.42 25.41
CA LEU B 252 13.03 -17.41 25.51
C LEU B 252 12.50 -18.38 26.57
N SER B 253 13.38 -19.22 27.10
CA SER B 253 12.98 -20.09 28.19
C SER B 253 13.05 -19.36 29.53
N THR B 254 13.85 -18.29 29.59
CA THR B 254 14.17 -17.69 30.88
C THR B 254 13.79 -16.22 31.00
N VAL B 255 13.51 -15.56 29.88
CA VAL B 255 13.18 -14.14 29.89
C VAL B 255 11.91 -13.86 30.73
N GLN B 256 11.94 -12.77 31.49
CA GLN B 256 10.82 -12.41 32.34
C GLN B 256 10.33 -11.00 31.99
N GLU B 257 9.09 -10.68 32.35
CA GLU B 257 8.48 -9.40 31.99
C GLU B 257 9.28 -8.21 32.48
N GLU B 258 9.88 -8.39 33.66
CA GLU B 258 10.65 -7.33 34.31
C GLU B 258 11.75 -6.80 33.38
N VAL B 259 12.28 -7.66 32.51
CA VAL B 259 13.37 -7.26 31.62
C VAL B 259 12.90 -6.29 30.53
N LEU B 260 11.64 -6.38 30.16
CA LEU B 260 11.14 -5.56 29.06
C LEU B 260 10.89 -4.09 29.47
N THR B 261 11.06 -3.77 30.75
CA THR B 261 10.92 -2.39 31.21
C THR B 261 12.25 -1.62 31.23
N SER B 262 13.39 -2.30 30.99
CA SER B 262 14.67 -1.60 31.06
C SER B 262 15.64 -2.02 29.98
N LEU B 263 15.16 -2.12 28.75
CA LEU B 263 16.02 -2.53 27.64
C LEU B 263 16.93 -1.44 27.13
N HIS B 264 18.22 -1.53 27.45
CA HIS B 264 19.22 -0.63 26.89
C HIS B 264 20.59 -1.27 26.90
N ASN B 265 21.47 -0.78 26.03
CA ASN B 265 22.85 -1.24 25.91
C ASN B 265 23.69 -0.26 25.12
N THR B 266 25.01 -0.43 25.17
CA THR B 266 25.90 0.42 24.38
C THR B 266 26.76 -0.43 23.46
N VAL B 267 26.75 -0.12 22.17
CA VAL B 267 27.58 -0.86 21.23
C VAL B 267 28.67 0.02 20.64
N HIS B 268 29.78 -0.62 20.29
CA HIS B 268 30.93 0.10 19.75
C HIS B 268 31.29 -0.45 18.40
N PHE B 269 31.10 0.36 17.38
CA PHE B 269 31.43 -0.05 16.01
C PHE B 269 32.87 0.33 15.67
N ASP B 270 33.68 -0.67 15.38
CA ASP B 270 35.03 -0.43 14.86
C ASP B 270 34.94 -0.29 13.33
N LEU B 271 34.84 0.94 12.84
CA LEU B 271 34.65 1.14 11.42
C LEU B 271 35.95 0.97 10.66
N LYS B 272 37.08 0.98 11.38
CA LYS B 272 38.38 0.71 10.78
C LYS B 272 38.48 -0.73 10.30
N GLU B 273 37.69 -1.65 10.87
CA GLU B 273 37.76 -3.04 10.43
C GLU B 273 36.49 -3.55 9.74
N SER B 274 35.66 -2.64 9.25
CA SER B 274 34.43 -3.03 8.59
C SER B 274 34.57 -3.05 7.07
N ALA B 275 34.24 -4.18 6.45
CA ALA B 275 34.28 -4.27 4.99
C ALA B 275 33.29 -3.30 4.42
N GLU B 276 32.13 -3.18 5.08
CA GLU B 276 31.07 -2.29 4.64
C GLU B 276 31.53 -0.83 4.62
N PHE B 277 32.23 -0.41 5.66
CA PHE B 277 32.74 0.95 5.70
C PHE B 277 33.77 1.20 4.56
N GLN B 278 34.69 0.23 4.39
CA GLN B 278 35.75 0.27 3.37
C GLN B 278 35.15 0.45 1.97
N GLN B 279 33.99 -0.18 1.72
CA GLN B 279 33.21 0.04 0.52
C GLN B 279 32.93 1.51 0.26
N HIS B 280 32.41 2.18 1.27
CA HIS B 280 32.05 3.57 1.10
C HIS B 280 33.29 4.45 1.11
N ALA B 281 34.33 4.01 1.81
CA ALA B 281 35.58 4.76 1.89
C ALA B 281 36.24 4.84 0.52
N ARG B 282 36.13 3.77 -0.25
CA ARG B 282 36.66 3.73 -1.61
C ARG B 282 35.91 4.66 -2.54
N GLU B 283 34.59 4.74 -2.35
CA GLU B 283 33.75 5.59 -3.23
C GLU B 283 34.01 7.04 -2.91
N ALA B 284 34.45 7.29 -1.67
CA ALA B 284 34.75 8.63 -1.18
C ALA B 284 36.11 9.06 -1.72
N GLY B 285 36.99 8.08 -1.95
CA GLY B 285 38.34 8.36 -2.43
C GLY B 285 39.33 8.68 -1.33
N SER B 286 40.63 8.65 -1.68
CA SER B 286 41.69 8.81 -0.70
C SER B 286 41.54 10.08 0.12
N GLU B 287 41.14 11.18 -0.54
CA GLU B 287 40.74 12.36 0.19
C GLU B 287 39.22 12.30 0.28
N GLY B 288 38.69 12.02 1.47
CA GLY B 288 37.25 11.89 1.59
C GLY B 288 36.79 11.66 2.99
N ARG B 289 35.50 11.86 3.21
CA ARG B 289 34.88 11.60 4.49
C ARG B 289 33.71 10.63 4.24
N VAL B 290 33.44 9.76 5.20
CA VAL B 290 32.25 8.92 5.15
C VAL B 290 31.29 9.38 6.25
N SER B 291 30.05 9.68 5.87
CA SER B 291 29.11 10.28 6.81
C SER B 291 28.11 9.27 7.38
N VAL B 292 27.76 9.41 8.65
CA VAL B 292 26.75 8.55 9.27
C VAL B 292 25.41 9.28 9.41
N ASP B 293 24.36 8.71 8.83
CA ASP B 293 23.05 9.39 8.85
C ASP B 293 22.08 8.79 9.87
N GLY B 294 22.40 7.63 10.41
CA GLY B 294 21.57 7.07 11.46
C GLY B 294 21.86 5.61 11.73
N PHE B 295 20.87 4.95 12.32
CA PHE B 295 21.04 3.55 12.71
C PHE B 295 19.84 2.73 12.28
N THR B 296 20.10 1.53 11.79
CA THR B 296 19.02 0.65 11.42
C THR B 296 18.97 -0.51 12.40
N VAL B 297 17.75 -0.93 12.73
CA VAL B 297 17.55 -1.92 13.78
C VAL B 297 16.75 -3.05 13.19
N TRP B 298 17.19 -4.28 13.41
CA TRP B 298 16.40 -5.43 12.99
C TRP B 298 16.55 -6.51 14.05
N PHE B 299 15.95 -7.66 13.81
CA PHE B 299 16.06 -8.75 14.76
C PHE B 299 16.27 -10.06 14.06
N ASP B 300 16.88 -10.99 14.77
CA ASP B 300 16.89 -12.39 14.39
C ASP B 300 16.22 -13.19 15.51
N VAL B 301 15.55 -14.27 15.16
CA VAL B 301 15.19 -15.30 16.13
C VAL B 301 15.71 -16.61 15.54
N SER B 302 15.93 -17.60 16.40
CA SER B 302 16.51 -18.85 15.94
C SER B 302 16.00 -20.06 16.70
N TYR B 303 16.07 -21.21 16.05
CA TYR B 303 15.81 -22.49 16.70
C TYR B 303 16.62 -23.60 16.04
N GLY B 304 17.46 -24.27 16.83
CA GLY B 304 18.37 -25.28 16.31
C GLY B 304 19.25 -24.70 15.21
N ALA B 305 19.21 -25.30 14.04
CA ALA B 305 20.05 -24.85 12.94
C ALA B 305 19.38 -23.70 12.16
N HIS B 306 18.17 -23.33 12.56
CA HIS B 306 17.43 -22.36 11.76
C HIS B 306 17.39 -20.96 12.35
N THR B 307 17.55 -19.98 11.48
CA THR B 307 17.51 -18.60 11.87
C THR B 307 16.53 -17.87 10.96
N LEU B 308 15.67 -17.06 11.56
CA LEU B 308 14.83 -16.15 10.81
C LEU B 308 15.43 -14.76 10.98
N SER B 309 15.86 -14.16 9.88
CA SER B 309 16.54 -12.87 9.96
C SER B 309 15.77 -11.81 9.21
N THR B 310 15.73 -10.61 9.77
CA THR B 310 15.08 -9.47 9.14
C THR B 310 16.12 -8.39 8.81
N SER B 311 17.38 -8.81 8.73
CA SER B 311 18.47 -7.94 8.26
C SER B 311 18.28 -7.50 6.82
N PRO B 312 18.79 -6.31 6.49
CA PRO B 312 18.83 -5.83 5.11
C PRO B 312 19.57 -6.77 4.16
N ARG B 313 20.47 -7.59 4.67
CA ARG B 313 21.21 -8.53 3.84
C ARG B 313 20.42 -9.80 3.59
N SER B 314 19.28 -9.94 4.26
CA SER B 314 18.44 -11.13 4.13
C SER B 314 17.25 -10.81 3.24
N PRO B 315 16.57 -11.85 2.73
CA PRO B 315 15.35 -11.57 1.97
C PRO B 315 14.35 -10.76 2.80
N SER B 316 13.62 -9.88 2.13
CA SER B 316 12.64 -9.02 2.77
C SER B 316 11.60 -9.84 3.55
N THR B 317 11.07 -9.24 4.62
CA THR B 317 9.96 -9.82 5.38
C THR B 317 9.01 -8.70 5.70
N HIS B 318 7.84 -9.03 6.23
CA HIS B 318 6.84 -8.00 6.56
C HIS B 318 7.30 -7.09 7.71
N TRP B 319 8.28 -7.52 8.50
CA TRP B 319 8.84 -6.64 9.51
C TRP B 319 9.72 -5.54 8.90
N LYS B 320 10.24 -5.78 7.70
CA LYS B 320 11.19 -4.87 7.06
C LYS B 320 12.35 -4.57 8.03
N GLN B 321 12.83 -3.32 8.05
CA GLN B 321 13.70 -2.86 9.13
C GLN B 321 13.18 -1.54 9.66
N THR B 322 13.70 -1.14 10.80
CA THR B 322 13.33 0.07 11.50
C THR B 322 14.56 0.94 11.58
N THR B 323 14.45 2.19 11.15
CA THR B 323 15.61 3.07 11.04
C THR B 323 15.37 4.37 11.78
N ILE B 324 16.38 4.76 12.57
CA ILE B 324 16.32 5.98 13.33
C ILE B 324 17.31 6.95 12.72
N LEU B 325 16.85 8.09 12.26
CA LEU B 325 17.76 9.02 11.62
C LEU B 325 18.28 10.07 12.58
N LEU B 326 19.49 10.52 12.32
CA LEU B 326 20.03 11.67 13.02
C LEU B 326 19.29 12.93 12.55
N PRO B 327 19.30 13.98 13.38
CA PRO B 327 18.67 15.24 12.98
C PRO B 327 19.14 15.69 11.59
N ARG B 328 18.22 16.26 10.81
CA ARG B 328 18.49 16.69 9.44
C ARG B 328 19.68 17.64 9.40
N GLU B 329 19.85 18.40 10.49
CA GLU B 329 20.99 19.28 10.65
C GLU B 329 22.27 18.47 10.60
N ALA B 330 22.30 17.39 11.37
CA ALA B 330 23.48 16.52 11.41
C ALA B 330 23.69 15.81 10.06
N ARG B 331 22.61 15.43 9.40
CA ARG B 331 22.71 14.66 8.18
C ARG B 331 23.27 15.48 7.02
N ASN B 332 22.75 16.70 6.86
CA ASN B 332 23.11 17.53 5.71
C ASN B 332 24.42 18.29 5.90
N GLU B 333 24.75 18.60 7.15
CA GLU B 333 26.04 19.19 7.46
C GLU B 333 27.08 18.11 7.75
N GLU B 334 26.66 16.84 7.63
CA GLU B 334 27.54 15.69 7.86
C GLU B 334 28.30 15.81 9.18
N LEU B 335 27.58 16.16 10.25
CA LEU B 335 28.15 16.37 11.57
C LEU B 335 28.72 15.12 12.23
N VAL B 336 28.38 13.94 11.73
CA VAL B 336 28.97 12.70 12.26
C VAL B 336 29.70 11.97 11.16
N SER B 337 31.00 12.22 11.03
CA SER B 337 31.73 11.68 9.89
C SER B 337 33.09 11.10 10.29
N PHE B 338 33.65 10.34 9.38
CA PHE B 338 34.88 9.62 9.61
C PHE B 338 35.81 9.75 8.42
N PRO B 339 37.12 9.81 8.66
CA PRO B 339 38.09 9.80 7.58
C PRO B 339 38.07 8.42 6.92
N VAL B 340 38.62 8.28 5.72
CA VAL B 340 38.46 7.04 4.94
C VAL B 340 39.08 5.78 5.56
N GLU B 341 40.07 5.95 6.43
CA GLU B 341 40.63 4.79 7.14
C GLU B 341 39.73 4.32 8.29
N GLY B 342 38.68 5.08 8.57
CA GLY B 342 37.71 4.70 9.57
C GLY B 342 37.95 5.32 10.92
N GLY B 343 37.36 4.70 11.95
CA GLY B 343 37.43 5.22 13.30
C GLY B 343 36.43 4.45 14.17
N GLU B 344 36.07 5.03 15.31
CA GLU B 344 35.25 4.36 16.31
C GLU B 344 33.93 5.07 16.49
N LEU B 345 32.84 4.32 16.48
CA LEU B 345 31.51 4.92 16.63
C LEU B 345 30.81 4.19 17.76
N GLY B 346 30.58 4.91 18.83
CA GLY B 346 29.93 4.32 19.98
C GLY B 346 28.57 4.92 20.05
N VAL B 347 27.56 4.11 20.39
CA VAL B 347 26.20 4.60 20.60
C VAL B 347 25.44 3.84 21.69
N GLU B 348 24.74 4.62 22.51
CA GLU B 348 23.85 4.06 23.49
C GLU B 348 22.41 4.08 23.01
N MET B 349 21.73 2.94 23.09
CA MET B 349 20.34 2.83 22.65
C MET B 349 19.40 2.40 23.78
N HIS B 350 18.26 3.07 23.89
CA HIS B 350 17.21 2.64 24.82
C HIS B 350 15.97 2.19 24.05
N ILE B 351 15.49 0.98 24.34
CA ILE B 351 14.20 0.54 23.84
C ILE B 351 13.23 0.52 25.01
N SER B 352 12.39 1.55 25.11
CA SER B 352 11.58 1.77 26.30
C SER B 352 10.08 1.64 26.03
N ALA B 353 9.39 0.91 26.89
CA ALA B 353 7.95 0.76 26.77
C ALA B 353 7.26 2.09 27.01
N SER B 354 6.35 2.47 26.12
CA SER B 354 5.69 3.75 26.23
C SER B 354 4.39 3.66 27.03
N ASP B 355 4.01 2.44 27.43
CA ASP B 355 2.92 2.28 28.40
C ASP B 355 3.07 0.97 29.18
N LYS B 356 2.00 0.54 29.85
CA LYS B 356 2.12 -0.56 30.78
C LYS B 356 1.83 -1.92 30.17
N THR B 357 1.38 -1.95 28.91
CA THR B 357 1.09 -3.22 28.22
C THR B 357 2.38 -3.97 27.86
N LEU B 358 3.47 -3.23 27.75
CA LEU B 358 4.75 -3.76 27.28
C LEU B 358 4.57 -4.32 25.86
N ARG B 359 3.68 -3.69 25.10
CA ARG B 359 3.50 -4.05 23.70
C ARG B 359 3.93 -2.89 22.78
N PHE B 360 4.08 -1.69 23.34
CA PHE B 360 4.40 -0.53 22.51
C PHE B 360 5.65 0.20 23.01
N TYR B 361 6.56 0.50 22.08
CA TYR B 361 7.90 0.96 22.43
C TYR B 361 8.40 2.11 21.56
N THR B 362 9.35 2.89 22.08
CA THR B 362 10.05 3.89 21.29
C THR B 362 11.55 3.60 21.37
N ILE B 363 12.27 3.94 20.31
CA ILE B 363 13.71 3.78 20.29
C ILE B 363 14.38 5.14 20.45
N GLU B 364 15.25 5.27 21.47
CA GLU B 364 16.01 6.51 21.69
C GLU B 364 17.49 6.17 21.69
N LEU B 365 18.31 7.07 21.16
CA LEU B 365 19.74 6.79 21.11
C LEU B 365 20.55 8.05 21.34
N GLU B 366 21.73 7.86 21.92
CA GLU B 366 22.65 8.95 22.16
C GLU B 366 24.06 8.55 21.70
N LEU B 367 24.66 9.40 20.89
CA LEU B 367 26.03 9.16 20.50
C LEU B 367 26.95 9.53 21.66
N LYS B 368 27.94 8.68 21.86
CA LYS B 368 28.98 8.90 22.87
C LYS B 368 29.57 7.54 23.27
#